data_7P07
#
_entry.id   7P07
#
_cell.length_a   66.880
_cell.length_b   77.730
_cell.length_c   121.110
_cell.angle_alpha   90.000
_cell.angle_beta   92.900
_cell.angle_gamma   90.000
#
_symmetry.space_group_name_H-M   'P 1 21 1'
#
loop_
_entity.id
_entity.type
_entity.pdbx_description
1 polymer BaAG2
2 non-polymer alpha-D-glucopyranose
3 non-polymer 1-methylpyrrolidin-2-one
4 non-polymer 'CALCIUM ION'
5 water water
#
_entity_poly.entity_id   1
_entity_poly.type   'polypeptide(L)'
_entity_poly.pdbx_seq_one_letter_code
;MVLGFFKKEQERNTAWWREGTVYQVYPSSFKDSNGDGIGDIPGIISKLDYIKSVGTDIVWLSPHYKSPQVDMGYDISDYK
AIHEPYGTFDDCIKLIQECHDRGLKIIFDLVVNHTSDQHEWFKQSRSSKSNAKRDWYIWKPAKYDEQGNRIPPNNWESYF
GGSAWEWDEETQEYYLHLFAKEQPDINWRNLQAREAIYKDAILFWLDRGIDGFRIDTVQIYSKPEDFPDAPERVPGQKLQ
NPSIIVETGPQLHEILQEMNRKAFSKYDIMTVGEGSPPSLEKTLEYVSSSRHEIDMLFSFDFGALDHREIAHTLNDIDMV
EMKETVYRWQRLVGKTDGWTTFFLENHDSGRSISRFASDATPEARNRSTKFLAVLQATMSGTLYLYQGQEIGIPNLPDEV
PIEEYKDVNSINYYNAVKEDTKNDPDALKKAKKYLQKVARDHARSPMQWDASKHSGFTDGEPWMIVNPIYPEVNVAAQEW
DADSGLNFWRHILKFRRQHKDVMVYGTLEVLDKENTKVFTFTKASESGRTFLVALNFTDKAVDYDVDQFASKSTLLLSSI
GNVHHKSGSLQPLEAVIFEIHHHHH
;
_entity_poly.pdbx_strand_id   A,B
#
loop_
_chem_comp.id
_chem_comp.type
_chem_comp.name
_chem_comp.formula
CA non-polymer 'CALCIUM ION' 'Ca 2'
GLC D-saccharide, alpha linking alpha-D-glucopyranose 'C6 H12 O6'
MB3 non-polymer 1-methylpyrrolidin-2-one 'C5 H9 N O'
#
# COMPACT_ATOMS: atom_id res chain seq x y z
N GLN A 10 -23.70 6.85 -24.82
CA GLN A 10 -22.53 6.49 -25.67
C GLN A 10 -22.35 4.97 -25.72
N GLU A 11 -22.86 4.29 -26.75
CA GLU A 11 -22.63 2.84 -26.98
C GLU A 11 -21.49 2.78 -27.99
N ARG A 12 -20.46 1.97 -27.78
CA ARG A 12 -19.29 2.02 -28.67
C ARG A 12 -18.89 0.66 -29.21
N ASN A 13 -18.01 0.67 -30.21
CA ASN A 13 -17.36 -0.51 -30.79
C ASN A 13 -16.09 -0.66 -29.95
N THR A 14 -16.06 -1.58 -29.00
CA THR A 14 -14.87 -1.77 -28.13
C THR A 14 -14.11 -3.05 -28.43
N ALA A 15 -14.74 -4.06 -29.00
CA ALA A 15 -14.13 -5.37 -29.28
C ALA A 15 -12.85 -5.22 -30.09
N TRP A 16 -12.79 -4.29 -31.02
CA TRP A 16 -11.59 -4.16 -31.87
C TRP A 16 -10.36 -3.79 -31.04
N TRP A 17 -10.47 -2.97 -30.00
CA TRP A 17 -9.27 -2.63 -29.18
C TRP A 17 -9.09 -3.68 -28.08
N ARG A 18 -10.16 -4.23 -27.57
CA ARG A 18 -10.11 -5.26 -26.51
C ARG A 18 -9.38 -6.49 -27.03
N GLU A 19 -9.71 -6.97 -28.22
CA GLU A 19 -9.17 -8.23 -28.77
C GLU A 19 -7.96 -7.99 -29.66
N GLY A 20 -7.71 -6.76 -30.07
CA GLY A 20 -6.63 -6.46 -31.03
C GLY A 20 -5.24 -6.64 -30.48
N THR A 21 -4.28 -6.95 -31.35
CA THR A 21 -2.84 -7.08 -31.05
C THR A 21 -2.16 -5.78 -31.50
N VAL A 22 -1.54 -5.02 -30.61
CA VAL A 22 -0.87 -3.73 -30.97
C VAL A 22 0.60 -4.00 -31.30
N TYR A 23 1.13 -3.43 -32.36
CA TYR A 23 2.56 -3.53 -32.72
C TYR A 23 3.13 -2.12 -32.59
N GLN A 24 4.10 -1.88 -31.71
CA GLN A 24 4.64 -0.52 -31.51
C GLN A 24 5.81 -0.29 -32.48
N VAL A 25 5.77 0.77 -33.28
CA VAL A 25 6.85 1.10 -34.23
C VAL A 25 7.61 2.29 -33.65
N TYR A 26 8.92 2.27 -33.73
CA TYR A 26 9.83 3.32 -33.25
C TYR A 26 10.37 3.96 -34.52
N PRO A 27 9.82 5.10 -34.99
CA PRO A 27 10.15 5.64 -36.30
C PRO A 27 11.63 5.69 -36.66
N SER A 28 12.48 6.12 -35.75
CA SER A 28 13.92 6.27 -35.98
C SER A 28 14.61 4.94 -36.18
N SER A 29 14.08 3.83 -35.69
CA SER A 29 14.81 2.54 -35.75
C SER A 29 14.09 1.44 -36.51
N PHE A 30 12.92 1.68 -37.10
CA PHE A 30 12.20 0.61 -37.84
C PHE A 30 12.82 0.37 -39.21
N LYS A 31 12.76 1.33 -40.12
CA LYS A 31 13.28 1.11 -41.50
C LYS A 31 13.66 2.44 -42.17
N ASP A 32 14.88 2.56 -42.71
CA ASP A 32 15.40 3.73 -43.44
C ASP A 32 15.23 3.44 -44.93
N SER A 33 14.60 4.31 -45.69
CA SER A 33 14.33 4.12 -47.13
C SER A 33 15.26 4.97 -48.01
N ASN A 34 16.19 5.76 -47.46
CA ASN A 34 17.06 6.64 -48.28
C ASN A 34 18.48 6.77 -47.76
N GLY A 35 19.04 5.73 -47.13
CA GLY A 35 20.44 5.62 -46.67
C GLY A 35 21.02 6.75 -45.86
N ASP A 36 20.23 7.56 -45.16
CA ASP A 36 20.80 8.62 -44.28
C ASP A 36 21.01 8.06 -42.85
N GLY A 37 20.65 6.80 -42.58
CA GLY A 37 20.87 6.10 -41.29
C GLY A 37 19.72 6.27 -40.33
N ILE A 38 18.70 7.03 -40.69
CA ILE A 38 17.54 7.32 -39.81
C ILE A 38 16.33 6.60 -40.36
N GLY A 39 15.47 6.05 -39.53
CA GLY A 39 14.27 5.38 -40.01
C GLY A 39 13.27 6.41 -40.47
N ASP A 40 12.34 6.05 -41.34
CA ASP A 40 11.39 7.08 -41.84
C ASP A 40 10.04 6.48 -42.21
N ILE A 41 9.05 7.35 -42.41
CA ILE A 41 7.65 6.96 -42.70
C ILE A 41 7.57 6.16 -43.99
N PRO A 42 8.28 6.45 -45.10
CA PRO A 42 8.22 5.59 -46.27
C PRO A 42 8.72 4.18 -45.94
N GLY A 43 9.75 4.06 -45.11
CA GLY A 43 10.23 2.75 -44.64
C GLY A 43 9.11 2.02 -43.93
N ILE A 44 8.38 2.69 -43.04
CA ILE A 44 7.26 2.07 -42.29
C ILE A 44 6.24 1.57 -43.30
N ILE A 45 5.83 2.42 -44.24
CA ILE A 45 4.83 2.12 -45.30
C ILE A 45 5.25 0.87 -46.09
N SER A 46 6.53 0.71 -46.39
CA SER A 46 7.15 -0.42 -47.11
C SER A 46 7.22 -1.72 -46.30
N LYS A 47 6.99 -1.66 -45.01
CA LYS A 47 7.02 -2.80 -44.10
C LYS A 47 5.67 -3.08 -43.49
N LEU A 48 4.62 -2.38 -43.94
CA LEU A 48 3.32 -2.58 -43.33
C LEU A 48 2.80 -4.00 -43.60
N ASP A 49 3.04 -4.55 -44.80
CA ASP A 49 2.68 -5.95 -45.06
C ASP A 49 3.33 -6.89 -44.05
N TYR A 50 4.59 -6.61 -43.70
CA TYR A 50 5.31 -7.42 -42.70
C TYR A 50 4.63 -7.26 -41.35
N ILE A 51 4.27 -6.07 -40.95
CA ILE A 51 3.59 -5.88 -39.67
C ILE A 51 2.28 -6.67 -39.63
N LYS A 52 1.48 -6.57 -40.68
CA LYS A 52 0.20 -7.28 -40.79
C LYS A 52 0.44 -8.77 -40.63
N SER A 53 1.46 -9.30 -41.29
CA SER A 53 1.73 -10.73 -41.27
C SER A 53 2.14 -11.27 -39.90
N VAL A 54 2.53 -10.42 -38.98
CA VAL A 54 2.89 -10.87 -37.61
C VAL A 54 1.60 -11.27 -36.91
N GLY A 55 0.46 -10.69 -37.28
CA GLY A 55 -0.76 -10.87 -36.51
C GLY A 55 -1.38 -9.57 -36.01
N THR A 56 -0.77 -8.45 -36.41
CA THR A 56 -1.12 -7.16 -35.88
C THR A 56 -2.48 -6.65 -36.34
N ASP A 57 -3.30 -6.14 -35.42
CA ASP A 57 -4.49 -5.35 -35.77
C ASP A 57 -4.18 -3.83 -35.73
N ILE A 58 -3.46 -3.37 -34.70
CA ILE A 58 -3.29 -1.92 -34.41
C ILE A 58 -1.81 -1.54 -34.42
N VAL A 59 -1.42 -0.44 -35.07
CA VAL A 59 -0.02 0.01 -35.11
C VAL A 59 0.11 1.19 -34.14
N TRP A 60 1.03 1.16 -33.18
CA TRP A 60 1.25 2.30 -32.27
C TRP A 60 2.52 2.99 -32.74
N LEU A 61 2.42 4.12 -33.44
CA LEU A 61 3.58 4.89 -33.92
C LEU A 61 4.09 5.75 -32.76
N SER A 62 5.39 5.71 -32.47
CA SER A 62 6.00 6.56 -31.41
C SER A 62 6.14 7.98 -31.99
N PRO A 63 6.33 9.02 -31.14
CA PRO A 63 6.39 10.42 -31.57
C PRO A 63 7.16 10.70 -32.86
N HIS A 64 6.47 11.21 -33.84
CA HIS A 64 7.03 11.50 -35.18
C HIS A 64 6.92 12.99 -35.53
N TYR A 65 6.41 13.83 -34.63
CA TYR A 65 6.16 15.27 -34.83
C TYR A 65 7.46 16.07 -34.76
N LYS A 66 7.41 17.32 -35.24
CA LYS A 66 8.56 18.25 -35.25
C LYS A 66 9.14 18.29 -33.84
N SER A 67 10.43 18.06 -33.67
CA SER A 67 11.05 17.96 -32.35
C SER A 67 12.57 18.15 -32.43
N PRO A 68 13.28 18.82 -31.49
CA PRO A 68 14.74 18.85 -31.54
C PRO A 68 15.45 17.52 -31.22
N GLN A 69 14.71 16.49 -30.76
CA GLN A 69 15.17 15.09 -30.53
C GLN A 69 16.11 15.03 -29.33
N VAL A 70 15.85 15.82 -28.30
CA VAL A 70 16.60 15.78 -27.02
C VAL A 70 16.20 14.46 -26.34
N ASP A 71 14.90 14.18 -26.36
CA ASP A 71 14.25 12.97 -25.81
C ASP A 71 13.57 12.22 -26.97
N MET A 72 14.23 12.19 -28.12
CA MET A 72 13.83 11.48 -29.35
C MET A 72 12.33 11.49 -29.62
N GLY A 73 11.73 12.67 -29.76
CA GLY A 73 10.32 12.83 -30.16
C GLY A 73 9.41 13.20 -29.03
N TYR A 74 9.79 12.92 -27.79
CA TYR A 74 8.94 13.22 -26.61
C TYR A 74 9.08 14.68 -26.16
N ASP A 75 9.92 15.48 -26.83
CA ASP A 75 10.05 16.95 -26.63
C ASP A 75 9.51 17.54 -27.92
N ILE A 76 8.24 17.90 -28.00
CA ILE A 76 7.63 18.33 -29.28
C ILE A 76 7.70 19.86 -29.49
N SER A 77 8.21 20.35 -30.63
CA SER A 77 8.32 21.80 -30.96
C SER A 77 7.14 22.27 -31.80
N ASP A 78 6.25 21.38 -32.27
CA ASP A 78 5.00 21.70 -33.01
C ASP A 78 4.16 20.43 -33.16
N TYR A 79 2.98 20.36 -32.58
CA TYR A 79 2.06 19.21 -32.67
C TYR A 79 1.56 19.02 -34.11
N LYS A 80 1.43 20.09 -34.90
CA LYS A 80 0.82 20.04 -36.25
C LYS A 80 1.84 19.81 -37.37
N ALA A 81 3.10 19.56 -37.09
CA ALA A 81 4.12 19.33 -38.14
C ALA A 81 4.82 18.00 -37.88
N ILE A 82 5.53 17.49 -38.88
CA ILE A 82 6.24 16.18 -38.83
C ILE A 82 7.75 16.39 -38.85
N HIS A 83 8.48 15.61 -38.08
CA HIS A 83 9.94 15.66 -38.01
C HIS A 83 10.46 15.42 -39.44
N GLU A 84 11.25 16.32 -39.97
CA GLU A 84 11.67 16.34 -41.40
C GLU A 84 12.36 15.04 -41.79
N PRO A 85 13.34 14.45 -41.07
CA PRO A 85 13.90 13.16 -41.46
C PRO A 85 12.92 12.00 -41.61
N TYR A 86 11.83 12.00 -40.86
CA TYR A 86 10.77 10.96 -40.93
C TYR A 86 10.05 11.14 -42.26
N GLY A 87 9.90 12.37 -42.73
CA GLY A 87 9.26 12.68 -44.01
C GLY A 87 8.36 13.88 -43.93
N THR A 88 7.62 14.12 -45.01
CA THR A 88 6.70 15.28 -45.17
C THR A 88 5.40 15.08 -44.40
N PHE A 89 4.58 16.11 -44.34
CA PHE A 89 3.27 16.05 -43.67
C PHE A 89 2.33 15.12 -44.44
N ASP A 90 2.47 15.08 -45.76
CA ASP A 90 1.61 14.24 -46.64
C ASP A 90 2.08 12.78 -46.53
N ASP A 91 3.32 12.55 -46.13
CA ASP A 91 3.87 11.19 -45.86
C ASP A 91 3.13 10.62 -44.65
N CYS A 92 2.83 11.45 -43.67
CA CYS A 92 2.09 11.05 -42.45
C CYS A 92 0.67 10.66 -42.85
N ILE A 93 0.02 11.49 -43.64
CA ILE A 93 -1.34 11.23 -44.15
C ILE A 93 -1.33 9.94 -44.96
N LYS A 94 -0.32 9.74 -45.79
CA LYS A 94 -0.14 8.53 -46.61
C LYS A 94 -0.12 7.31 -45.69
N LEU A 95 0.72 7.32 -44.66
CA LEU A 95 0.89 6.18 -43.70
C LEU A 95 -0.46 5.81 -43.10
N ILE A 96 -1.24 6.79 -42.68
CA ILE A 96 -2.57 6.56 -42.08
C ILE A 96 -3.40 5.78 -43.10
N GLN A 97 -3.37 6.20 -44.36
CA GLN A 97 -4.18 5.57 -45.42
C GLN A 97 -3.64 4.18 -45.73
N GLU A 98 -2.33 4.01 -45.79
CA GLU A 98 -1.66 2.73 -46.14
C GLU A 98 -1.96 1.68 -45.09
N CYS A 99 -2.09 2.07 -43.83
CA CYS A 99 -2.46 1.20 -42.69
C CYS A 99 -3.91 0.75 -42.90
N HIS A 100 -4.78 1.71 -43.13
CA HIS A 100 -6.22 1.53 -43.36
C HIS A 100 -6.47 0.59 -44.55
N ASP A 101 -5.69 0.75 -45.61
CA ASP A 101 -5.79 -0.06 -46.84
C ASP A 101 -5.55 -1.55 -46.56
N ARG A 102 -4.69 -1.87 -45.59
CA ARG A 102 -4.31 -3.25 -45.21
C ARG A 102 -5.09 -3.78 -44.01
N GLY A 103 -6.09 -3.07 -43.53
CA GLY A 103 -6.87 -3.49 -42.37
C GLY A 103 -6.08 -3.32 -41.08
N LEU A 104 -5.29 -2.27 -40.98
CA LEU A 104 -4.49 -1.96 -39.78
C LEU A 104 -5.02 -0.65 -39.22
N LYS A 105 -5.30 -0.58 -37.92
CA LYS A 105 -5.62 0.72 -37.29
C LYS A 105 -4.29 1.38 -36.90
N ILE A 106 -4.27 2.66 -36.55
CA ILE A 106 -2.98 3.31 -36.17
C ILE A 106 -3.27 4.29 -35.04
N ILE A 107 -2.47 4.29 -33.99
CA ILE A 107 -2.65 5.24 -32.86
C ILE A 107 -1.36 6.05 -32.80
N PHE A 108 -1.47 7.32 -32.46
CA PHE A 108 -0.32 8.25 -32.37
C PHE A 108 0.04 8.39 -30.89
N ASP A 109 1.18 8.99 -30.59
CA ASP A 109 1.62 9.23 -29.20
C ASP A 109 1.13 10.62 -28.79
N LEU A 110 0.36 10.76 -27.72
CA LEU A 110 -0.09 12.08 -27.21
C LEU A 110 0.80 12.52 -26.03
N VAL A 111 1.75 13.41 -26.25
CA VAL A 111 2.71 13.95 -25.24
C VAL A 111 2.25 15.33 -24.79
N VAL A 112 1.47 15.46 -23.71
CA VAL A 112 0.93 16.79 -23.33
C VAL A 112 1.19 17.17 -21.87
N ASN A 113 2.12 16.51 -21.16
CA ASN A 113 2.51 16.93 -19.80
C ASN A 113 3.51 18.08 -19.98
N HIS A 114 4.30 18.02 -21.03
CA HIS A 114 5.35 18.99 -21.38
C HIS A 114 5.47 19.14 -22.90
N THR A 115 6.12 20.23 -23.31
CA THR A 115 6.47 20.51 -24.73
C THR A 115 7.98 20.69 -24.80
N SER A 116 8.51 20.94 -26.00
CA SER A 116 9.93 21.28 -26.19
C SER A 116 10.15 22.71 -25.67
N ASP A 117 11.39 23.09 -25.43
CA ASP A 117 11.70 24.50 -25.07
C ASP A 117 11.71 25.34 -26.36
N GLN A 118 11.83 24.70 -27.54
CA GLN A 118 11.72 25.29 -28.90
C GLN A 118 10.27 25.37 -29.37
N HIS A 119 9.27 25.00 -28.57
CA HIS A 119 7.85 25.16 -28.97
C HIS A 119 7.55 26.66 -28.86
N GLU A 120 6.87 27.28 -29.83
CA GLU A 120 6.60 28.72 -29.82
C GLU A 120 5.86 29.17 -28.55
N TRP A 121 5.03 28.29 -28.00
CA TRP A 121 4.30 28.56 -26.73
C TRP A 121 5.31 28.87 -25.62
N PHE A 122 6.42 28.14 -25.57
CA PHE A 122 7.43 28.33 -24.50
C PHE A 122 8.27 29.56 -24.81
N LYS A 123 8.69 29.75 -26.06
CA LYS A 123 9.44 30.96 -26.42
C LYS A 123 8.70 32.19 -25.95
N GLN A 124 7.38 32.17 -26.03
CA GLN A 124 6.56 33.30 -25.56
C GLN A 124 6.52 33.30 -24.04
N SER A 125 6.25 32.16 -23.40
CA SER A 125 6.13 32.07 -21.93
C SER A 125 7.38 32.61 -21.22
N ARG A 126 8.57 32.24 -21.66
CA ARG A 126 9.84 32.60 -21.01
C ARG A 126 10.33 33.99 -21.43
N SER A 127 9.74 34.60 -22.45
CA SER A 127 10.12 35.93 -22.99
C SER A 127 10.06 36.96 -21.88
N SER A 128 8.95 37.03 -21.14
CA SER A 128 8.75 38.00 -20.04
C SER A 128 7.64 37.51 -19.12
N LYS A 129 7.57 38.07 -17.92
CA LYS A 129 6.57 37.76 -16.88
C LYS A 129 5.23 38.40 -17.21
N SER A 130 5.20 39.37 -18.13
CA SER A 130 3.97 40.06 -18.58
C SER A 130 3.40 39.39 -19.83
N ASN A 131 4.12 38.46 -20.47
CA ASN A 131 3.63 37.76 -21.69
C ASN A 131 2.28 37.09 -21.40
N ALA A 132 1.37 37.13 -22.36
CA ALA A 132 -0.01 36.59 -22.28
C ALA A 132 0.01 35.10 -21.95
N LYS A 133 1.03 34.38 -22.41
CA LYS A 133 1.22 32.92 -22.19
C LYS A 133 2.26 32.61 -21.11
N ARG A 134 2.47 33.48 -20.13
CA ARG A 134 3.46 33.25 -19.05
C ARG A 134 3.02 32.06 -18.22
N ASP A 135 1.78 32.12 -17.73
CA ASP A 135 1.10 31.11 -16.86
C ASP A 135 0.76 29.81 -17.60
N TRP A 136 1.09 29.65 -18.90
CA TRP A 136 0.92 28.42 -19.69
C TRP A 136 1.91 27.35 -19.19
N TYR A 137 3.01 27.76 -18.57
CA TYR A 137 4.01 26.86 -17.95
C TYR A 137 4.05 27.15 -16.44
N ILE A 138 4.84 26.40 -15.69
CA ILE A 138 4.87 26.53 -14.21
C ILE A 138 6.11 27.32 -13.82
N TRP A 139 5.96 28.59 -13.45
CA TRP A 139 7.06 29.49 -13.04
C TRP A 139 6.98 29.69 -11.54
N LYS A 140 8.09 29.63 -10.82
CA LYS A 140 8.08 29.82 -9.36
C LYS A 140 9.28 30.69 -8.98
N PRO A 141 9.17 31.60 -7.99
CA PRO A 141 10.31 32.37 -7.55
C PRO A 141 11.32 31.52 -6.79
N ALA A 142 12.54 32.01 -6.67
CA ALA A 142 13.63 31.31 -5.97
C ALA A 142 13.42 31.37 -4.46
N LYS A 143 14.16 30.52 -3.77
CA LYS A 143 14.22 30.44 -2.30
C LYS A 143 15.68 30.67 -1.93
N TYR A 144 15.96 31.10 -0.72
CA TYR A 144 17.36 31.35 -0.30
C TYR A 144 17.63 30.48 0.94
N ASP A 145 18.80 29.83 0.99
CA ASP A 145 19.18 28.93 2.11
C ASP A 145 19.78 29.77 3.23
N GLU A 146 20.04 29.13 4.37
CA GLU A 146 20.62 29.74 5.60
C GLU A 146 21.79 30.69 5.30
N GLN A 147 22.68 30.33 4.37
CA GLN A 147 23.89 31.11 4.00
C GLN A 147 23.67 32.05 2.82
N GLY A 148 22.44 32.35 2.39
CA GLY A 148 22.14 33.34 1.34
C GLY A 148 22.18 32.84 -0.10
N ASN A 149 22.51 31.58 -0.35
CA ASN A 149 22.61 31.03 -1.73
C ASN A 149 21.21 30.82 -2.31
N ARG A 150 21.09 30.93 -3.64
CA ARG A 150 19.81 30.74 -4.38
C ARG A 150 19.57 29.24 -4.47
N ILE A 151 18.38 28.74 -4.14
CA ILE A 151 18.06 27.30 -4.21
C ILE A 151 16.69 27.11 -4.86
N PRO A 152 16.34 25.97 -5.51
CA PRO A 152 15.00 25.77 -6.07
C PRO A 152 13.82 25.78 -5.09
N PRO A 153 12.56 25.92 -5.53
CA PRO A 153 11.43 25.88 -4.60
C PRO A 153 11.27 24.63 -3.71
N ASN A 154 11.79 23.46 -4.10
CA ASN A 154 11.66 22.21 -3.31
C ASN A 154 12.77 21.23 -3.72
N ASN A 155 12.76 20.01 -3.20
CA ASN A 155 13.75 18.97 -3.49
C ASN A 155 13.42 18.11 -4.71
N TRP A 156 12.41 18.41 -5.53
CA TRP A 156 12.05 17.53 -6.68
C TRP A 156 13.26 17.29 -7.58
N GLU A 157 13.45 16.06 -8.03
CA GLU A 157 14.50 15.59 -8.95
C GLU A 157 13.83 15.36 -10.30
N SER A 158 14.49 15.66 -11.41
CA SER A 158 13.99 15.35 -12.75
C SER A 158 14.20 13.84 -12.95
N TYR A 159 13.40 13.18 -13.76
CA TYR A 159 13.51 11.72 -14.04
C TYR A 159 14.83 11.42 -14.72
N PHE A 160 15.38 12.42 -15.41
CA PHE A 160 16.69 12.32 -16.08
C PHE A 160 17.80 12.92 -15.23
N GLY A 161 17.62 13.17 -13.93
CA GLY A 161 18.74 13.64 -13.13
C GLY A 161 18.87 15.12 -12.89
N GLY A 162 19.31 15.47 -11.68
CA GLY A 162 19.41 16.86 -11.30
C GLY A 162 18.05 17.35 -10.86
N SER A 163 17.96 18.65 -10.55
CA SER A 163 16.74 19.30 -10.05
C SER A 163 15.73 19.40 -11.18
N ALA A 164 14.46 19.51 -10.82
CA ALA A 164 13.33 19.63 -11.76
C ALA A 164 13.01 21.10 -12.02
N TRP A 165 13.79 22.03 -11.49
CA TRP A 165 13.60 23.48 -11.71
C TRP A 165 14.81 24.05 -12.43
N GLU A 166 14.64 24.68 -13.60
CA GLU A 166 15.75 25.29 -14.36
C GLU A 166 15.63 26.81 -14.16
N TRP A 167 16.73 27.49 -13.94
CA TRP A 167 16.76 28.94 -13.62
C TRP A 167 16.77 29.74 -14.92
N ASP A 168 15.78 30.59 -15.16
CA ASP A 168 15.78 31.50 -16.33
C ASP A 168 16.34 32.83 -15.82
N GLU A 169 17.60 33.15 -16.11
CA GLU A 169 18.26 34.40 -15.62
C GLU A 169 17.54 35.64 -16.16
N GLU A 170 17.05 35.66 -17.39
CA GLU A 170 16.40 36.85 -18.01
C GLU A 170 15.14 37.24 -17.26
N THR A 171 14.42 36.31 -16.63
CA THR A 171 13.17 36.62 -15.90
C THR A 171 13.31 36.34 -14.41
N GLN A 172 14.51 36.05 -13.93
CA GLN A 172 14.78 35.73 -12.50
C GLN A 172 13.70 34.85 -11.83
N GLU A 173 13.39 33.71 -12.46
CA GLU A 173 12.35 32.75 -11.98
C GLU A 173 12.75 31.35 -12.46
N TYR A 174 12.23 30.32 -11.80
CA TYR A 174 12.48 28.89 -12.09
C TYR A 174 11.30 28.29 -12.85
N TYR A 175 11.52 27.48 -13.90
CA TYR A 175 10.43 26.74 -14.59
C TYR A 175 10.50 25.23 -14.26
N LEU A 176 9.34 24.58 -14.14
CA LEU A 176 9.21 23.14 -13.77
C LEU A 176 9.53 22.26 -14.98
N HIS A 177 10.32 21.21 -14.81
CA HIS A 177 10.67 20.24 -15.86
C HIS A 177 10.87 18.87 -15.20
N LEU A 178 9.83 18.04 -15.14
CA LEU A 178 9.92 16.67 -14.59
C LEU A 178 10.88 15.82 -15.44
N PHE A 179 11.02 16.05 -16.74
CA PHE A 179 11.93 15.30 -17.64
C PHE A 179 13.16 16.18 -17.94
N ALA A 180 13.67 16.31 -19.17
CA ALA A 180 14.88 17.12 -19.47
C ALA A 180 14.64 18.61 -19.25
N LYS A 181 15.70 19.40 -19.10
CA LYS A 181 15.63 20.88 -18.96
C LYS A 181 14.95 21.44 -20.21
N GLU A 182 15.09 20.76 -21.35
CA GLU A 182 14.43 21.09 -22.63
C GLU A 182 12.98 20.61 -22.74
N GLN A 183 12.32 20.09 -21.69
CA GLN A 183 10.93 19.63 -21.72
C GLN A 183 10.18 20.39 -20.63
N PRO A 184 9.95 21.71 -20.72
CA PRO A 184 9.23 22.42 -19.68
C PRO A 184 7.83 21.83 -19.50
N ASP A 185 7.35 21.71 -18.27
CA ASP A 185 6.03 21.15 -17.96
C ASP A 185 4.94 22.20 -18.21
N ILE A 186 3.82 21.82 -18.81
CA ILE A 186 2.64 22.68 -19.06
C ILE A 186 1.97 22.92 -17.72
N ASN A 187 1.44 24.09 -17.48
CA ASN A 187 0.67 24.39 -16.27
C ASN A 187 -0.76 24.03 -16.64
N TRP A 188 -1.31 22.92 -16.14
CA TRP A 188 -2.67 22.45 -16.49
C TRP A 188 -3.74 23.23 -15.73
N ARG A 189 -3.39 24.11 -14.81
CA ARG A 189 -4.38 24.98 -14.14
C ARG A 189 -4.88 26.07 -15.10
N ASN A 190 -4.09 26.41 -16.12
CA ASN A 190 -4.41 27.49 -17.10
C ASN A 190 -5.37 26.96 -18.17
N LEU A 191 -6.63 27.41 -18.19
CA LEU A 191 -7.68 26.95 -19.14
C LEU A 191 -7.32 27.31 -20.58
N GLN A 192 -6.58 28.38 -20.83
CA GLN A 192 -6.22 28.81 -22.20
C GLN A 192 -5.23 27.80 -22.76
N ALA A 193 -4.27 27.35 -21.95
CA ALA A 193 -3.33 26.34 -22.40
C ALA A 193 -4.01 24.99 -22.59
N ARG A 194 -5.08 24.73 -21.87
CA ARG A 194 -5.80 23.45 -22.04
C ARG A 194 -6.37 23.43 -23.46
N GLU A 195 -6.99 24.53 -23.86
CA GLU A 195 -7.67 24.63 -25.15
C GLU A 195 -6.67 24.56 -26.29
N ALA A 196 -5.50 25.10 -26.11
CA ALA A 196 -4.45 25.09 -27.14
C ALA A 196 -4.03 23.64 -27.39
N ILE A 197 -3.84 22.86 -26.33
CA ILE A 197 -3.46 21.46 -26.47
C ILE A 197 -4.59 20.65 -27.10
N TYR A 198 -5.81 20.84 -26.59
CA TYR A 198 -6.96 20.13 -27.15
C TYR A 198 -7.07 20.34 -28.65
N LYS A 199 -6.82 21.57 -29.12
CA LYS A 199 -6.97 21.85 -30.54
C LYS A 199 -5.79 21.31 -31.36
N ASP A 200 -4.57 21.62 -30.96
CA ASP A 200 -3.39 21.26 -31.78
C ASP A 200 -2.96 19.80 -31.60
N ALA A 201 -2.94 19.26 -30.39
CA ALA A 201 -2.38 17.92 -30.15
C ALA A 201 -3.39 16.78 -30.23
N ILE A 202 -4.69 17.06 -30.10
CA ILE A 202 -5.69 16.02 -30.00
C ILE A 202 -6.62 16.08 -31.21
N LEU A 203 -7.45 17.12 -31.32
CA LEU A 203 -8.50 17.27 -32.34
C LEU A 203 -7.87 17.41 -33.72
N PHE A 204 -6.71 18.00 -33.83
CA PHE A 204 -6.03 18.13 -35.14
C PHE A 204 -5.80 16.73 -35.71
N TRP A 205 -5.36 15.78 -34.90
CA TRP A 205 -5.04 14.41 -35.41
C TRP A 205 -6.28 13.52 -35.41
N LEU A 206 -7.21 13.70 -34.48
CA LEU A 206 -8.46 12.96 -34.58
C LEU A 206 -9.20 13.31 -35.86
N ASP A 207 -9.06 14.55 -36.32
CA ASP A 207 -9.71 15.06 -37.56
C ASP A 207 -8.99 14.51 -38.79
N ARG A 208 -7.77 14.01 -38.67
CA ARG A 208 -7.07 13.40 -39.82
C ARG A 208 -7.22 11.87 -39.82
N GLY A 209 -8.16 11.29 -39.06
CA GLY A 209 -8.53 9.90 -39.24
C GLY A 209 -7.74 8.85 -38.48
N ILE A 210 -6.94 9.23 -37.48
CA ILE A 210 -6.19 8.26 -36.63
C ILE A 210 -7.20 7.54 -35.73
N ASP A 211 -6.84 6.35 -35.28
CA ASP A 211 -7.74 5.47 -34.50
C ASP A 211 -7.51 5.59 -32.99
N GLY A 212 -6.70 6.53 -32.52
CA GLY A 212 -6.54 6.70 -31.07
C GLY A 212 -5.20 7.22 -30.67
N PHE A 213 -4.90 7.18 -29.37
CA PHE A 213 -3.65 7.72 -28.82
C PHE A 213 -3.02 6.87 -27.72
N ARG A 214 -1.70 6.94 -27.58
CA ARG A 214 -0.92 6.41 -26.45
C ARG A 214 -0.67 7.64 -25.58
N ILE A 215 -1.42 7.84 -24.51
CA ILE A 215 -1.31 9.04 -23.64
C ILE A 215 -0.09 8.91 -22.73
N ASP A 216 0.95 9.72 -22.89
CA ASP A 216 2.14 9.68 -22.02
C ASP A 216 1.81 10.18 -20.62
N THR A 217 2.57 9.71 -19.61
CA THR A 217 2.55 10.12 -18.19
C THR A 217 1.16 10.58 -17.81
N VAL A 218 0.18 9.73 -18.00
CA VAL A 218 -1.26 10.11 -17.89
C VAL A 218 -1.62 10.43 -16.45
N GLN A 219 -0.77 10.10 -15.50
CA GLN A 219 -1.11 10.35 -14.08
C GLN A 219 -0.59 11.71 -13.56
N ILE A 220 0.41 12.32 -14.21
CA ILE A 220 1.13 13.48 -13.63
C ILE A 220 0.77 14.87 -14.18
N TYR A 221 -0.29 15.06 -14.96
CA TYR A 221 -0.64 16.38 -15.54
C TYR A 221 -0.83 17.43 -14.44
N SER A 222 -1.65 17.14 -13.45
CA SER A 222 -2.03 18.08 -12.37
C SER A 222 -1.07 18.03 -11.18
N LYS A 223 -0.32 19.11 -10.89
CA LYS A 223 0.62 19.20 -9.76
C LYS A 223 -0.11 19.79 -8.56
N PRO A 224 0.21 19.40 -7.31
CA PRO A 224 -0.46 19.99 -6.16
C PRO A 224 -0.03 21.47 -6.04
N GLU A 225 -0.96 22.38 -5.78
CA GLU A 225 -0.76 23.85 -5.76
C GLU A 225 0.42 24.32 -4.90
N ASP A 226 0.74 23.64 -3.80
CA ASP A 226 1.79 24.10 -2.87
C ASP A 226 3.16 23.50 -3.14
N PHE A 227 3.34 22.71 -4.21
CA PHE A 227 4.60 22.04 -4.63
C PHE A 227 5.45 21.63 -3.43
N PRO A 228 4.95 20.76 -2.52
CA PRO A 228 5.69 20.41 -1.32
C PRO A 228 6.82 19.45 -1.64
N ASP A 229 7.82 19.36 -0.77
CA ASP A 229 8.98 18.45 -0.93
C ASP A 229 8.49 17.01 -1.13
N ALA A 230 9.16 16.24 -1.96
CA ALA A 230 8.80 14.83 -2.19
C ALA A 230 9.29 14.00 -0.98
N PRO A 231 8.76 12.81 -0.65
CA PRO A 231 9.29 12.04 0.47
C PRO A 231 10.68 11.46 0.20
N GLU A 232 11.35 11.04 1.26
CA GLU A 232 12.70 10.43 1.22
C GLU A 232 12.58 8.99 0.73
N ARG A 233 12.50 8.80 -0.57
CA ARG A 233 12.38 7.48 -1.23
C ARG A 233 13.78 6.89 -1.34
N VAL A 234 14.79 7.73 -1.53
CA VAL A 234 16.21 7.28 -1.55
C VAL A 234 16.85 7.86 -0.29
N PRO A 235 17.00 7.10 0.80
CA PRO A 235 17.54 7.63 2.05
C PRO A 235 18.81 8.50 1.94
N GLY A 236 18.81 9.72 2.48
CA GLY A 236 20.00 10.58 2.57
C GLY A 236 20.39 11.31 1.30
N GLN A 237 19.61 11.25 0.23
CA GLN A 237 19.97 12.00 -0.99
C GLN A 237 19.14 13.28 -0.93
N LYS A 238 19.71 14.40 -1.37
CA LYS A 238 19.08 15.74 -1.23
C LYS A 238 17.84 15.85 -2.11
N LEU A 239 17.94 15.54 -3.40
CA LEU A 239 16.80 15.65 -4.33
C LEU A 239 16.01 14.35 -4.32
N GLN A 240 14.71 14.39 -4.43
CA GLN A 240 13.84 13.19 -4.44
C GLN A 240 12.84 13.22 -5.60
N ASN A 241 12.74 12.16 -6.40
CA ASN A 241 11.76 12.03 -7.51
C ASN A 241 10.37 12.30 -6.95
N PRO A 242 9.55 13.20 -7.51
CA PRO A 242 8.23 13.44 -6.96
C PRO A 242 7.05 12.64 -7.54
N SER A 243 7.29 11.57 -8.28
CA SER A 243 6.24 10.74 -8.94
C SER A 243 5.11 10.45 -7.96
N ILE A 244 5.43 10.00 -6.75
CA ILE A 244 4.43 9.63 -5.71
C ILE A 244 3.54 10.81 -5.32
N ILE A 245 3.95 12.06 -5.44
CA ILE A 245 3.05 13.17 -5.02
C ILE A 245 2.40 13.86 -6.21
N VAL A 246 2.94 13.77 -7.42
CA VAL A 246 2.32 14.41 -8.61
C VAL A 246 1.30 13.48 -9.24
N GLU A 247 1.46 12.17 -9.10
CA GLU A 247 0.54 11.17 -9.69
C GLU A 247 -0.88 11.42 -9.18
N THR A 248 -1.89 11.41 -10.06
CA THR A 248 -3.31 11.62 -9.73
C THR A 248 -3.44 12.87 -8.86
N GLY A 249 -3.16 14.03 -9.45
CA GLY A 249 -3.25 15.36 -8.84
C GLY A 249 -4.67 15.84 -8.64
N PRO A 250 -4.92 17.01 -8.04
CA PRO A 250 -6.29 17.42 -7.77
C PRO A 250 -7.17 17.74 -9.00
N GLN A 251 -6.57 17.98 -10.15
CA GLN A 251 -7.29 18.25 -11.40
C GLN A 251 -7.14 17.13 -12.43
N LEU A 252 -6.40 16.07 -12.12
CA LEU A 252 -6.13 14.97 -13.08
C LEU A 252 -7.43 14.41 -13.67
N HIS A 253 -8.35 13.90 -12.87
CA HIS A 253 -9.60 13.29 -13.39
C HIS A 253 -10.41 14.36 -14.11
N GLU A 254 -10.45 15.59 -13.60
CA GLU A 254 -11.12 16.73 -14.24
C GLU A 254 -10.63 16.82 -15.69
N ILE A 255 -9.32 16.83 -15.90
CA ILE A 255 -8.69 16.93 -17.24
C ILE A 255 -9.12 15.75 -18.13
N LEU A 256 -8.96 14.51 -17.67
CA LEU A 256 -9.29 13.31 -18.47
C LEU A 256 -10.77 13.36 -18.86
N GLN A 257 -11.62 13.78 -17.93
CA GLN A 257 -13.07 13.89 -18.17
C GLN A 257 -13.28 14.91 -19.29
N GLU A 258 -12.55 16.01 -19.26
CA GLU A 258 -12.64 17.09 -20.27
C GLU A 258 -12.19 16.57 -21.62
N MET A 259 -11.10 15.82 -21.65
CA MET A 259 -10.55 15.24 -22.91
C MET A 259 -11.53 14.23 -23.50
N ASN A 260 -12.31 13.55 -22.68
CA ASN A 260 -13.30 12.58 -23.18
C ASN A 260 -14.47 13.31 -23.81
N ARG A 261 -15.13 14.20 -23.08
CA ARG A 261 -16.32 14.92 -23.55
C ARG A 261 -16.00 15.76 -24.78
N LYS A 262 -14.83 16.37 -24.86
CA LYS A 262 -14.43 17.29 -25.94
C LYS A 262 -13.83 16.57 -27.14
N ALA A 263 -13.13 15.44 -26.95
CA ALA A 263 -12.44 14.77 -28.06
C ALA A 263 -12.69 13.27 -28.16
N PHE A 264 -12.16 12.45 -27.25
CA PHE A 264 -12.15 10.97 -27.36
C PHE A 264 -13.53 10.38 -27.62
N SER A 265 -14.58 10.91 -27.01
CA SER A 265 -15.95 10.38 -27.13
C SER A 265 -16.62 10.75 -28.47
N LYS A 266 -16.05 11.66 -29.26
CA LYS A 266 -16.62 12.12 -30.54
C LYS A 266 -16.08 11.34 -31.73
N TYR A 267 -15.15 10.41 -31.52
CA TYR A 267 -14.55 9.59 -32.59
C TYR A 267 -14.53 8.12 -32.14
N ASP A 268 -14.45 7.19 -33.09
CA ASP A 268 -14.38 5.74 -32.80
C ASP A 268 -12.92 5.41 -32.60
N ILE A 269 -12.42 5.52 -31.37
CA ILE A 269 -10.98 5.36 -31.05
C ILE A 269 -10.76 4.56 -29.75
N MET A 270 -9.52 4.21 -29.48
CA MET A 270 -9.05 3.57 -28.24
C MET A 270 -8.04 4.52 -27.59
N THR A 271 -8.02 4.63 -26.27
CA THR A 271 -6.99 5.42 -25.57
C THR A 271 -6.26 4.49 -24.58
N VAL A 272 -4.94 4.44 -24.59
CA VAL A 272 -4.12 3.65 -23.65
C VAL A 272 -3.23 4.63 -22.88
N GLY A 273 -3.29 4.67 -21.56
CA GLY A 273 -2.50 5.60 -20.74
C GLY A 273 -1.26 4.97 -20.15
N GLU A 274 -0.09 5.65 -20.08
CA GLU A 274 1.20 5.20 -19.55
C GLU A 274 1.25 5.50 -18.05
N GLY A 275 1.34 4.48 -17.20
CA GLY A 275 1.41 4.68 -15.76
C GLY A 275 0.08 4.39 -15.12
N SER A 276 0.03 3.57 -14.08
CA SER A 276 -1.22 3.23 -13.38
C SER A 276 -1.05 3.46 -11.89
N PRO A 277 -2.09 3.78 -11.10
CA PRO A 277 -1.97 3.81 -9.65
C PRO A 277 -1.68 2.44 -9.01
N PRO A 278 -1.31 2.38 -7.72
CA PRO A 278 -1.03 1.08 -7.11
C PRO A 278 -2.24 0.29 -6.61
N SER A 279 -3.41 0.92 -6.52
CA SER A 279 -4.63 0.29 -5.98
C SER A 279 -5.68 0.07 -7.07
N LEU A 280 -6.60 -0.85 -6.86
CA LEU A 280 -7.63 -1.23 -7.84
C LEU A 280 -8.68 -0.12 -7.98
N GLU A 281 -9.17 0.43 -6.87
CA GLU A 281 -10.23 1.46 -6.90
C GLU A 281 -9.75 2.74 -7.58
N LYS A 282 -8.47 3.09 -7.46
CA LYS A 282 -7.96 4.31 -8.08
C LYS A 282 -7.72 4.02 -9.56
N THR A 283 -7.30 2.80 -9.89
CA THR A 283 -7.06 2.35 -11.27
C THR A 283 -8.39 2.36 -12.03
N LEU A 284 -9.48 1.96 -11.39
CA LEU A 284 -10.82 1.94 -12.00
C LEU A 284 -11.29 3.38 -12.21
N GLU A 285 -10.80 4.35 -11.45
CA GLU A 285 -11.14 5.77 -11.63
C GLU A 285 -10.63 6.20 -13.02
N TYR A 286 -9.63 5.54 -13.57
CA TYR A 286 -9.12 5.83 -14.92
C TYR A 286 -9.85 5.01 -15.99
N VAL A 287 -9.96 3.70 -15.81
CA VAL A 287 -10.41 2.78 -16.90
C VAL A 287 -11.83 2.25 -16.78
N SER A 288 -12.59 2.49 -15.74
CA SER A 288 -13.95 1.93 -15.68
C SER A 288 -14.78 2.54 -16.80
N SER A 289 -15.59 1.78 -17.50
CA SER A 289 -16.50 2.30 -18.51
C SER A 289 -17.38 3.40 -17.91
N SER A 290 -17.91 3.14 -16.72
CA SER A 290 -18.66 4.08 -15.91
C SER A 290 -18.09 5.50 -15.97
N ARG A 291 -16.78 5.61 -16.04
CA ARG A 291 -16.12 6.88 -15.76
C ARG A 291 -16.00 7.77 -16.99
N HIS A 292 -15.94 7.19 -18.18
CA HIS A 292 -15.79 7.93 -19.46
C HIS A 292 -14.56 8.81 -19.38
N GLU A 293 -13.41 8.20 -19.18
CA GLU A 293 -12.10 8.85 -19.16
C GLU A 293 -11.20 8.19 -20.20
N ILE A 294 -10.44 7.16 -19.85
CA ILE A 294 -9.68 6.43 -20.85
C ILE A 294 -9.98 4.93 -20.72
N ASP A 295 -9.56 4.15 -21.71
CA ASP A 295 -9.94 2.72 -21.88
C ASP A 295 -9.07 1.73 -21.10
N MET A 296 -7.77 1.91 -21.06
CA MET A 296 -6.85 0.96 -20.40
C MET A 296 -5.56 1.68 -19.99
N LEU A 297 -4.74 1.06 -19.13
CA LEU A 297 -3.47 1.64 -18.65
C LEU A 297 -2.32 0.63 -18.73
N PHE A 298 -1.13 1.11 -19.02
CA PHE A 298 0.13 0.36 -18.93
C PHE A 298 0.58 0.51 -17.49
N SER A 299 0.90 -0.55 -16.78
CA SER A 299 1.41 -0.40 -15.41
C SER A 299 2.92 -0.63 -15.45
N PHE A 300 3.68 0.05 -14.63
CA PHE A 300 5.14 -0.14 -14.54
C PHE A 300 5.46 -1.31 -13.60
N ASP A 301 4.52 -1.86 -12.83
CA ASP A 301 4.82 -2.94 -11.86
C ASP A 301 5.63 -4.09 -12.47
N PHE A 302 5.19 -4.72 -13.54
CA PHE A 302 5.89 -5.92 -14.06
C PHE A 302 7.31 -5.57 -14.50
N GLY A 303 7.48 -4.45 -15.18
CA GLY A 303 8.80 -3.99 -15.65
C GLY A 303 9.75 -3.62 -14.51
N ALA A 304 9.20 -3.29 -13.34
CA ALA A 304 9.96 -2.90 -12.13
C ALA A 304 10.39 -4.08 -11.25
N LEU A 305 10.20 -5.34 -11.64
CA LEU A 305 10.54 -6.50 -10.80
C LEU A 305 12.05 -6.72 -10.76
N ASP A 306 12.79 -6.33 -11.78
CA ASP A 306 14.24 -6.64 -11.80
C ASP A 306 15.13 -5.41 -11.59
N HIS A 307 14.58 -4.23 -11.30
CA HIS A 307 15.35 -2.98 -11.08
C HIS A 307 14.48 -1.90 -10.42
N ARG A 308 15.10 -0.97 -9.72
CA ARG A 308 14.41 0.17 -9.05
C ARG A 308 14.95 1.47 -9.70
N GLU A 309 14.26 1.98 -10.72
CA GLU A 309 14.65 3.16 -11.52
C GLU A 309 15.10 4.34 -10.67
N ILE A 310 14.40 4.71 -9.61
CA ILE A 310 14.77 5.93 -8.84
C ILE A 310 16.12 5.78 -8.13
N ALA A 311 16.55 4.58 -7.79
CA ALA A 311 17.85 4.31 -7.12
C ALA A 311 18.88 3.75 -8.08
N HIS A 312 18.52 3.57 -9.35
CA HIS A 312 19.35 2.94 -10.39
C HIS A 312 20.05 1.70 -9.83
N THR A 313 19.28 0.76 -9.28
CA THR A 313 19.80 -0.51 -8.73
C THR A 313 19.13 -1.71 -9.42
N LEU A 314 19.89 -2.77 -9.69
CA LEU A 314 19.41 -4.06 -10.21
C LEU A 314 19.03 -4.92 -9.00
N ASN A 315 18.23 -5.96 -9.23
CA ASN A 315 17.81 -6.93 -8.19
C ASN A 315 17.27 -8.18 -8.88
N ASP A 316 17.33 -9.31 -8.20
CA ASP A 316 16.82 -10.61 -8.67
C ASP A 316 15.30 -10.54 -8.64
N ILE A 317 14.61 -11.16 -9.57
CA ILE A 317 13.13 -11.14 -9.59
C ILE A 317 12.63 -12.12 -8.52
N ASP A 318 11.73 -11.69 -7.65
CA ASP A 318 11.13 -12.55 -6.61
C ASP A 318 9.89 -13.21 -7.25
N MET A 319 9.92 -14.51 -7.52
CA MET A 319 8.82 -15.24 -8.18
C MET A 319 7.46 -14.94 -7.56
N VAL A 320 7.32 -14.89 -6.25
CA VAL A 320 5.99 -14.66 -5.63
C VAL A 320 5.52 -13.24 -5.87
N GLU A 321 6.42 -12.25 -5.86
CA GLU A 321 6.05 -10.84 -6.12
C GLU A 321 5.57 -10.77 -7.58
N MET A 322 6.25 -11.46 -8.48
CA MET A 322 5.89 -11.48 -9.91
C MET A 322 4.46 -11.98 -10.09
N LYS A 323 4.12 -13.10 -9.45
CA LYS A 323 2.76 -13.70 -9.54
C LYS A 323 1.75 -12.69 -9.03
N GLU A 324 2.00 -12.06 -7.90
CA GLU A 324 1.08 -11.07 -7.28
C GLU A 324 0.92 -9.86 -8.20
N THR A 325 1.95 -9.49 -8.95
CA THR A 325 1.95 -8.34 -9.88
C THR A 325 1.06 -8.69 -11.08
N VAL A 326 1.21 -9.89 -11.63
CA VAL A 326 0.39 -10.38 -12.77
C VAL A 326 -1.06 -10.39 -12.32
N TYR A 327 -1.36 -10.87 -11.14
CA TYR A 327 -2.75 -10.95 -10.66
C TYR A 327 -3.31 -9.57 -10.37
N ARG A 328 -2.50 -8.65 -9.86
CA ARG A 328 -2.94 -7.30 -9.43
C ARG A 328 -3.77 -6.63 -10.53
N TRP A 329 -3.33 -6.69 -11.77
CA TRP A 329 -4.00 -6.01 -12.90
C TRP A 329 -4.84 -6.99 -13.73
N GLN A 330 -4.45 -8.25 -13.88
CA GLN A 330 -5.26 -9.21 -14.66
C GLN A 330 -6.64 -9.32 -14.02
N ARG A 331 -6.78 -9.06 -12.73
CA ARG A 331 -8.05 -9.08 -11.96
C ARG A 331 -9.07 -8.04 -12.43
N LEU A 332 -8.72 -7.13 -13.32
CA LEU A 332 -9.69 -6.12 -13.82
C LEU A 332 -10.63 -6.81 -14.80
N VAL A 333 -10.12 -7.70 -15.63
CA VAL A 333 -10.89 -8.39 -16.69
C VAL A 333 -11.86 -9.40 -16.07
N GLY A 334 -13.18 -9.25 -16.25
CA GLY A 334 -14.19 -10.20 -15.79
C GLY A 334 -14.85 -9.81 -14.48
N LYS A 335 -14.12 -9.28 -13.51
CA LYS A 335 -14.69 -8.92 -12.19
C LYS A 335 -15.11 -7.46 -12.16
N THR A 336 -14.72 -6.65 -13.14
CA THR A 336 -15.07 -5.21 -13.20
C THR A 336 -15.54 -4.82 -14.61
N ASP A 337 -15.92 -3.55 -14.81
CA ASP A 337 -16.21 -2.96 -16.11
C ASP A 337 -14.99 -2.21 -16.66
N GLY A 338 -13.81 -2.42 -16.10
CA GLY A 338 -12.57 -1.81 -16.60
C GLY A 338 -11.91 -2.71 -17.60
N TRP A 339 -10.67 -2.42 -17.93
CA TRP A 339 -9.83 -3.20 -18.86
C TRP A 339 -8.38 -3.08 -18.39
N THR A 340 -7.48 -3.83 -18.99
CA THR A 340 -6.05 -3.78 -18.66
C THR A 340 -5.25 -4.10 -19.92
N THR A 341 -3.94 -4.05 -19.80
CA THR A 341 -3.03 -4.33 -20.91
C THR A 341 -1.96 -5.30 -20.43
N PHE A 342 -1.20 -5.84 -21.36
CA PHE A 342 -0.03 -6.62 -20.96
C PHE A 342 1.05 -6.49 -22.02
N PHE A 343 2.29 -6.28 -21.61
CA PHE A 343 3.45 -6.05 -22.50
C PHE A 343 4.72 -6.40 -21.75
N LEU A 344 5.72 -6.93 -22.41
CA LEU A 344 7.06 -7.17 -21.85
C LEU A 344 8.07 -6.20 -22.45
N GLU A 345 7.74 -5.50 -23.53
CA GLU A 345 8.69 -4.62 -24.22
C GLU A 345 8.00 -3.32 -24.65
N ASN A 346 8.81 -2.31 -24.92
CA ASN A 346 8.46 -0.94 -25.40
C ASN A 346 9.77 -0.19 -25.62
N HIS A 347 9.70 1.05 -26.10
CA HIS A 347 10.89 1.89 -26.38
C HIS A 347 11.63 2.28 -25.10
N ASP A 348 11.02 2.18 -23.93
CA ASP A 348 11.63 2.56 -22.64
C ASP A 348 12.15 1.38 -21.82
N SER A 349 12.42 0.23 -22.42
CA SER A 349 12.80 -0.97 -21.68
C SER A 349 13.91 -1.75 -22.36
N GLY A 350 14.54 -2.64 -21.59
CA GLY A 350 15.47 -3.65 -22.09
C GLY A 350 14.70 -4.78 -22.79
N ARG A 351 15.35 -5.54 -23.65
CA ARG A 351 14.75 -6.69 -24.36
C ARG A 351 14.31 -7.76 -23.34
N SER A 352 13.15 -8.38 -23.57
CA SER A 352 12.46 -9.34 -22.66
C SER A 352 13.22 -10.64 -22.48
N ILE A 353 13.81 -11.24 -23.51
CA ILE A 353 14.54 -12.53 -23.37
C ILE A 353 15.79 -12.31 -22.50
N SER A 354 16.37 -11.12 -22.52
CA SER A 354 17.60 -10.77 -21.77
C SER A 354 17.28 -10.62 -20.30
N ARG A 355 16.14 -10.07 -19.97
CA ARG A 355 15.73 -9.80 -18.57
C ARG A 355 14.92 -10.92 -17.94
N PHE A 356 14.08 -11.65 -18.69
CA PHE A 356 13.16 -12.63 -18.09
C PHE A 356 13.41 -14.09 -18.49
N ALA A 357 14.38 -14.40 -19.31
CA ALA A 357 14.65 -15.77 -19.77
C ALA A 357 16.15 -15.90 -20.07
N SER A 358 16.63 -16.73 -20.97
CA SER A 358 18.07 -16.85 -21.25
C SER A 358 18.38 -16.41 -22.68
N ASP A 359 19.43 -15.64 -22.92
CA ASP A 359 19.81 -15.20 -24.28
C ASP A 359 21.21 -15.69 -24.60
N ALA A 360 21.67 -16.74 -23.93
CA ALA A 360 23.10 -17.06 -24.01
C ALA A 360 23.48 -17.66 -25.37
N THR A 361 22.63 -18.53 -25.92
CA THR A 361 22.93 -19.29 -27.15
C THR A 361 21.85 -19.14 -28.22
N PRO A 362 22.08 -19.49 -29.49
CA PRO A 362 21.01 -19.46 -30.48
C PRO A 362 19.79 -20.28 -30.02
N GLU A 363 20.02 -21.48 -29.50
CA GLU A 363 18.93 -22.37 -29.04
C GLU A 363 18.20 -21.70 -27.89
N ALA A 364 18.91 -21.04 -26.98
CA ALA A 364 18.29 -20.39 -25.81
C ALA A 364 17.46 -19.20 -26.25
N ARG A 365 17.89 -18.47 -27.26
CA ARG A 365 17.15 -17.27 -27.74
C ARG A 365 15.80 -17.74 -28.30
N ASN A 366 15.80 -18.79 -29.11
CA ASN A 366 14.58 -19.35 -29.70
C ASN A 366 13.62 -19.88 -28.63
N ARG A 367 14.14 -20.68 -27.70
CA ARG A 367 13.37 -21.30 -26.60
C ARG A 367 12.79 -20.20 -25.71
N SER A 368 13.53 -19.12 -25.49
CA SER A 368 13.06 -18.03 -24.65
C SER A 368 11.98 -17.21 -25.35
N THR A 369 12.16 -16.94 -26.63
CA THR A 369 11.17 -16.16 -27.39
C THR A 369 9.83 -16.86 -27.29
N LYS A 370 9.79 -18.17 -27.48
CA LYS A 370 8.51 -18.88 -27.43
C LYS A 370 7.96 -18.92 -26.01
N PHE A 371 8.85 -19.04 -25.03
CA PHE A 371 8.45 -19.06 -23.62
C PHE A 371 7.66 -17.81 -23.23
N LEU A 372 8.25 -16.65 -23.46
CA LEU A 372 7.63 -15.34 -23.16
C LEU A 372 6.39 -15.15 -24.04
N ALA A 373 6.38 -15.69 -25.25
CA ALA A 373 5.22 -15.60 -26.17
C ALA A 373 4.02 -16.25 -25.49
N VAL A 374 4.18 -17.40 -24.86
CA VAL A 374 3.06 -18.07 -24.14
C VAL A 374 2.63 -17.18 -22.96
N LEU A 375 3.58 -16.60 -22.23
CA LEU A 375 3.28 -15.73 -21.07
C LEU A 375 2.35 -14.59 -21.50
N GLN A 376 2.73 -13.86 -22.55
CA GLN A 376 1.96 -12.70 -23.06
C GLN A 376 0.63 -13.16 -23.70
N ALA A 377 0.65 -14.16 -24.56
CA ALA A 377 -0.53 -14.65 -25.29
C ALA A 377 -1.66 -15.08 -24.35
N THR A 378 -1.36 -15.61 -23.17
CA THR A 378 -2.39 -16.10 -22.23
C THR A 378 -2.91 -15.00 -21.32
N MET A 379 -2.33 -13.81 -21.36
CA MET A 379 -2.76 -12.70 -20.48
C MET A 379 -4.01 -12.03 -21.06
N SER A 380 -5.03 -11.76 -20.26
CA SER A 380 -6.26 -11.04 -20.64
C SER A 380 -5.98 -9.55 -20.84
N GLY A 381 -6.87 -8.81 -21.45
CA GLY A 381 -6.56 -7.41 -21.74
C GLY A 381 -6.02 -7.27 -23.16
N THR A 382 -5.70 -6.06 -23.59
CA THR A 382 -5.14 -5.81 -24.93
C THR A 382 -3.66 -6.20 -24.88
N LEU A 383 -3.16 -6.91 -25.89
CA LEU A 383 -1.77 -7.40 -25.95
C LEU A 383 -0.91 -6.40 -26.74
N TYR A 384 0.29 -6.09 -26.28
CA TYR A 384 1.19 -5.12 -26.95
C TYR A 384 2.54 -5.75 -27.27
N LEU A 385 2.97 -5.72 -28.53
CA LEU A 385 4.31 -6.16 -28.95
C LEU A 385 5.09 -4.91 -29.33
N TYR A 386 6.40 -5.03 -29.32
CA TYR A 386 7.31 -3.95 -29.69
C TYR A 386 8.17 -4.50 -30.83
N GLN A 387 8.48 -3.70 -31.83
CA GLN A 387 9.25 -4.09 -33.03
C GLN A 387 10.49 -4.88 -32.63
N GLY A 388 10.68 -6.09 -33.13
CA GLY A 388 11.84 -6.84 -32.70
C GLY A 388 11.54 -7.99 -31.78
N GLN A 389 10.56 -7.83 -30.89
CA GLN A 389 10.16 -8.84 -29.90
C GLN A 389 9.77 -10.15 -30.58
N GLU A 390 9.11 -10.09 -31.74
CA GLU A 390 8.65 -11.27 -32.47
C GLU A 390 9.82 -12.14 -32.95
N ILE A 391 11.01 -11.59 -33.17
CA ILE A 391 12.17 -12.37 -33.67
C ILE A 391 13.22 -12.57 -32.58
N GLY A 392 12.97 -12.15 -31.35
CA GLY A 392 13.87 -12.39 -30.21
C GLY A 392 15.13 -11.56 -30.20
N ILE A 393 15.04 -10.27 -30.48
CA ILE A 393 16.20 -9.35 -30.40
C ILE A 393 16.60 -9.31 -28.93
N PRO A 394 17.84 -9.63 -28.53
CA PRO A 394 18.25 -9.54 -27.15
C PRO A 394 18.89 -8.18 -26.88
N ASN A 395 19.35 -7.97 -25.65
CA ASN A 395 20.05 -6.72 -25.27
C ASN A 395 21.41 -6.66 -25.95
N LEU A 396 21.91 -5.46 -26.23
CA LEU A 396 23.29 -5.19 -26.65
C LEU A 396 24.25 -5.95 -25.74
N PRO A 397 25.25 -6.68 -26.25
CA PRO A 397 26.15 -7.41 -25.39
C PRO A 397 27.16 -6.53 -24.64
N ASP A 398 27.85 -7.12 -23.66
CA ASP A 398 28.82 -6.47 -22.76
C ASP A 398 29.90 -5.73 -23.54
N GLU A 399 30.34 -6.22 -24.70
CA GLU A 399 31.41 -5.63 -25.53
C GLU A 399 31.00 -4.28 -26.15
N VAL A 400 29.73 -3.93 -26.21
CA VAL A 400 29.28 -2.62 -26.74
C VAL A 400 29.58 -1.56 -25.69
N PRO A 401 30.44 -0.56 -25.96
CA PRO A 401 30.80 0.43 -24.97
C PRO A 401 29.68 1.45 -24.75
N ILE A 402 29.79 2.22 -23.67
CA ILE A 402 28.81 3.22 -23.18
C ILE A 402 28.62 4.40 -24.15
N GLU A 403 29.55 4.68 -25.05
CA GLU A 403 29.45 5.79 -26.03
C GLU A 403 28.33 5.52 -27.03
N GLU A 404 28.05 4.23 -27.29
CA GLU A 404 27.00 3.79 -28.23
C GLU A 404 25.63 3.97 -27.59
N TYR A 405 25.52 4.06 -26.27
CA TYR A 405 24.23 4.29 -25.58
C TYR A 405 23.87 5.76 -25.74
N LYS A 406 23.30 6.14 -26.88
CA LYS A 406 22.99 7.54 -27.27
C LYS A 406 21.79 8.10 -26.52
N ASP A 407 21.00 7.29 -25.86
CA ASP A 407 19.81 7.78 -25.14
C ASP A 407 20.26 8.82 -24.12
N VAL A 408 19.48 9.89 -23.91
CA VAL A 408 19.75 10.99 -22.94
C VAL A 408 19.67 10.47 -21.50
N ASN A 409 18.89 9.43 -21.25
CA ASN A 409 18.65 8.91 -19.88
C ASN A 409 19.92 8.19 -19.44
N SER A 410 20.52 7.48 -20.37
CA SER A 410 21.78 6.71 -20.24
C SER A 410 22.94 7.67 -20.04
N ILE A 411 23.02 8.73 -20.87
CA ILE A 411 24.12 9.73 -20.82
C ILE A 411 24.03 10.51 -19.52
N ASN A 412 22.85 10.98 -19.14
CA ASN A 412 22.65 11.76 -17.91
C ASN A 412 23.01 10.89 -16.72
N TYR A 413 22.51 9.66 -16.60
CA TYR A 413 22.83 8.79 -15.45
C TYR A 413 24.33 8.57 -15.38
N TYR A 414 24.94 8.05 -16.43
CA TYR A 414 26.37 7.75 -16.45
C TYR A 414 27.19 8.99 -16.07
N ASN A 415 26.81 10.15 -16.58
CA ASN A 415 27.51 11.44 -16.34
C ASN A 415 27.35 11.80 -14.87
N ALA A 416 26.17 11.63 -14.30
CA ALA A 416 25.88 11.90 -12.88
C ALA A 416 26.73 10.98 -12.00
N VAL A 417 26.99 9.74 -12.40
CA VAL A 417 27.85 8.83 -11.61
C VAL A 417 29.26 9.39 -11.70
N LYS A 418 29.73 9.68 -12.90
CA LYS A 418 31.07 10.23 -13.16
C LYS A 418 31.32 11.51 -12.34
N GLU A 419 30.33 12.39 -12.23
CA GLU A 419 30.42 13.66 -11.47
C GLU A 419 30.35 13.42 -9.97
N ASP A 420 29.31 12.75 -9.49
CA ASP A 420 29.04 12.52 -8.05
C ASP A 420 30.07 11.58 -7.42
N THR A 421 30.75 10.74 -8.19
CA THR A 421 31.78 9.84 -7.62
C THR A 421 33.20 10.27 -8.04
N LYS A 422 33.34 11.35 -8.80
CA LYS A 422 34.63 11.86 -9.29
C LYS A 422 35.37 10.71 -9.98
N ASN A 423 34.78 10.14 -11.02
CA ASN A 423 35.33 9.05 -11.87
C ASN A 423 35.69 7.79 -11.06
N ASP A 424 34.96 7.46 -10.00
CA ASP A 424 35.20 6.21 -9.25
C ASP A 424 35.10 5.08 -10.26
N PRO A 425 36.17 4.37 -10.64
CA PRO A 425 36.07 3.40 -11.73
C PRO A 425 35.17 2.20 -11.41
N ASP A 426 35.05 1.84 -10.15
CA ASP A 426 34.19 0.72 -9.73
C ASP A 426 32.74 1.18 -9.86
N ALA A 427 32.44 2.44 -9.57
CA ALA A 427 31.07 2.96 -9.68
C ALA A 427 30.67 2.99 -11.15
N LEU A 428 31.59 3.33 -12.05
CA LEU A 428 31.32 3.39 -13.51
C LEU A 428 31.01 1.98 -14.03
N LYS A 429 31.74 0.96 -13.58
CA LYS A 429 31.52 -0.44 -14.00
C LYS A 429 30.13 -0.87 -13.56
N LYS A 430 29.75 -0.51 -12.35
CA LYS A 430 28.43 -0.88 -11.79
C LYS A 430 27.34 -0.12 -12.54
N ALA A 431 27.57 1.14 -12.90
CA ALA A 431 26.60 1.98 -13.64
C ALA A 431 26.42 1.40 -15.04
N LYS A 432 27.49 0.92 -15.66
CA LYS A 432 27.44 0.32 -17.00
C LYS A 432 26.72 -1.02 -16.91
N LYS A 433 27.00 -1.83 -15.90
CA LYS A 433 26.32 -3.14 -15.72
C LYS A 433 24.83 -2.88 -15.64
N TYR A 434 24.41 -1.91 -14.84
CA TYR A 434 22.98 -1.57 -14.71
C TYR A 434 22.45 -1.21 -16.10
N LEU A 435 23.13 -0.35 -16.84
CA LEU A 435 22.67 0.11 -18.16
C LEU A 435 22.57 -1.09 -19.10
N GLN A 436 23.50 -2.05 -19.04
CA GLN A 436 23.54 -3.26 -19.89
C GLN A 436 22.31 -4.16 -19.65
N LYS A 437 21.65 -4.10 -18.50
CA LYS A 437 20.46 -4.90 -18.21
C LYS A 437 19.17 -4.14 -18.53
N VAL A 438 19.04 -2.87 -18.19
CA VAL A 438 17.72 -2.17 -18.28
C VAL A 438 17.75 -0.80 -18.97
N ALA A 439 18.74 -0.44 -19.77
CA ALA A 439 18.71 0.87 -20.46
C ALA A 439 17.64 0.86 -21.55
N ARG A 440 17.18 2.03 -21.94
CA ARG A 440 16.19 2.21 -23.03
C ARG A 440 16.86 1.93 -24.38
N ASP A 441 18.18 2.04 -24.47
CA ASP A 441 18.97 1.84 -25.71
C ASP A 441 18.82 0.45 -26.28
N HIS A 442 18.57 -0.59 -25.50
CA HIS A 442 18.48 -1.96 -26.06
C HIS A 442 17.28 -2.06 -27.00
N ALA A 443 16.24 -1.29 -26.72
CA ALA A 443 15.01 -1.19 -27.52
C ALA A 443 15.17 -0.22 -28.70
N ARG A 444 16.23 0.55 -28.86
CA ARG A 444 16.38 1.54 -29.94
C ARG A 444 17.40 1.11 -30.99
N SER A 445 18.12 0.02 -30.81
CA SER A 445 19.06 -0.50 -31.83
C SER A 445 18.21 -0.87 -33.04
N PRO A 446 18.54 -0.44 -34.27
CA PRO A 446 17.77 -0.77 -35.45
C PRO A 446 17.15 -2.17 -35.61
N MET A 447 15.94 -2.26 -36.17
CA MET A 447 15.21 -3.52 -36.45
C MET A 447 16.09 -4.41 -37.33
N GLN A 448 16.13 -5.71 -37.07
CA GLN A 448 17.02 -6.65 -37.79
C GLN A 448 16.23 -7.37 -38.91
N TRP A 449 16.30 -6.89 -40.15
CA TRP A 449 15.53 -7.42 -41.30
C TRP A 449 16.16 -8.64 -41.97
N ASP A 450 17.46 -8.64 -42.25
CA ASP A 450 18.13 -9.74 -43.01
C ASP A 450 19.60 -9.85 -42.60
N ALA A 451 20.42 -10.68 -43.27
CA ALA A 451 21.87 -10.62 -42.76
C ALA A 451 22.80 -9.74 -43.59
N SER A 452 22.31 -8.70 -44.28
CA SER A 452 23.14 -7.76 -45.06
C SER A 452 23.68 -6.66 -44.13
N LYS A 453 24.50 -5.75 -44.67
CA LYS A 453 25.09 -4.59 -43.94
C LYS A 453 24.04 -3.94 -43.04
N HIS A 454 24.26 -3.87 -41.72
CA HIS A 454 23.36 -3.26 -40.71
C HIS A 454 22.01 -3.96 -40.71
N SER A 455 21.99 -5.28 -40.93
CA SER A 455 20.79 -6.15 -40.94
C SER A 455 19.71 -5.63 -41.88
N GLY A 456 20.09 -5.09 -43.04
CA GLY A 456 19.22 -4.50 -44.07
C GLY A 456 18.36 -3.34 -43.57
N PHE A 457 18.70 -2.64 -42.51
CA PHE A 457 17.88 -1.52 -41.98
C PHE A 457 18.22 -0.27 -42.76
N THR A 458 19.45 -0.17 -43.25
CA THR A 458 19.85 1.03 -44.00
C THR A 458 21.05 0.77 -44.92
N ASP A 459 21.15 1.49 -46.02
CA ASP A 459 22.31 1.42 -46.94
C ASP A 459 23.39 2.37 -46.44
N GLY A 460 23.08 3.33 -45.57
CA GLY A 460 24.04 4.30 -45.03
C GLY A 460 24.63 3.84 -43.72
N GLU A 461 24.97 4.76 -42.83
CA GLU A 461 25.54 4.46 -41.49
C GLU A 461 24.41 4.67 -40.49
N PRO A 462 23.99 3.67 -39.68
CA PRO A 462 22.86 3.88 -38.81
C PRO A 462 23.11 4.95 -37.75
N TRP A 463 22.03 5.58 -37.28
CA TRP A 463 22.05 6.67 -36.26
C TRP A 463 22.44 6.13 -34.88
N MET A 464 22.31 4.82 -34.64
CA MET A 464 22.76 4.11 -33.43
C MET A 464 23.11 2.68 -33.85
N ILE A 465 24.02 2.05 -33.12
CA ILE A 465 24.60 0.73 -33.44
C ILE A 465 23.52 -0.34 -33.63
N VAL A 466 23.67 -1.22 -34.62
CA VAL A 466 22.78 -2.37 -34.86
C VAL A 466 23.32 -3.47 -33.96
N ASN A 467 22.46 -4.16 -33.22
CA ASN A 467 22.89 -5.25 -32.32
C ASN A 467 23.74 -6.21 -33.13
N PRO A 468 24.97 -6.57 -32.71
CA PRO A 468 25.83 -7.44 -33.50
C PRO A 468 25.45 -8.93 -33.62
N ILE A 469 24.36 -9.35 -32.98
CA ILE A 469 23.79 -10.72 -33.11
C ILE A 469 22.90 -10.78 -34.38
N TYR A 470 22.67 -9.67 -35.07
CA TYR A 470 21.85 -9.60 -36.31
C TYR A 470 22.18 -10.70 -37.33
N PRO A 471 23.40 -11.22 -37.63
CA PRO A 471 23.49 -12.28 -38.62
C PRO A 471 22.65 -13.53 -38.26
N GLU A 472 22.50 -13.88 -36.98
CA GLU A 472 21.69 -15.02 -36.53
C GLU A 472 20.22 -14.60 -36.39
N VAL A 473 19.98 -13.48 -35.74
CA VAL A 473 18.62 -12.98 -35.41
C VAL A 473 18.14 -11.94 -36.41
N ASN A 474 17.33 -12.32 -37.40
CA ASN A 474 16.76 -11.35 -38.38
C ASN A 474 15.48 -11.93 -38.99
N VAL A 475 14.59 -11.05 -39.47
CA VAL A 475 13.28 -11.43 -40.04
C VAL A 475 13.47 -12.47 -41.16
N ALA A 476 14.31 -12.20 -42.14
CA ALA A 476 14.42 -13.09 -43.29
C ALA A 476 14.86 -14.48 -42.89
N ALA A 477 15.70 -14.59 -41.86
CA ALA A 477 16.16 -15.89 -41.40
C ALA A 477 15.03 -16.70 -40.76
N GLN A 478 14.05 -16.03 -40.20
CA GLN A 478 12.96 -16.68 -39.44
C GLN A 478 11.69 -16.87 -40.29
N GLU A 479 11.62 -16.31 -41.48
CA GLU A 479 10.38 -16.28 -42.24
C GLU A 479 9.95 -17.68 -42.63
N TRP A 480 10.82 -18.44 -43.29
CA TRP A 480 10.51 -19.79 -43.78
C TRP A 480 11.00 -20.89 -42.84
N ASP A 481 11.32 -20.60 -41.59
CA ASP A 481 11.73 -21.62 -40.61
C ASP A 481 10.53 -21.90 -39.71
N ALA A 482 9.89 -23.07 -39.90
CA ALA A 482 8.70 -23.39 -39.12
C ALA A 482 8.95 -23.29 -37.62
N ASP A 483 10.21 -23.43 -37.18
CA ASP A 483 10.58 -23.48 -35.77
C ASP A 483 11.04 -22.13 -35.21
N SER A 484 10.97 -21.06 -35.99
CA SER A 484 11.45 -19.75 -35.55
C SER A 484 10.49 -19.15 -34.54
N GLY A 485 10.97 -18.18 -33.78
CA GLY A 485 10.17 -17.44 -32.80
C GLY A 485 9.07 -16.65 -33.50
N LEU A 486 9.32 -16.19 -34.71
CA LEU A 486 8.37 -15.40 -35.52
C LEU A 486 7.18 -16.28 -35.88
N ASN A 487 7.42 -17.46 -36.41
CA ASN A 487 6.32 -18.36 -36.73
C ASN A 487 5.65 -18.89 -35.49
N PHE A 488 6.35 -18.92 -34.36
CA PHE A 488 5.71 -19.31 -33.09
C PHE A 488 4.75 -18.19 -32.69
N TRP A 489 5.18 -16.94 -32.84
CA TRP A 489 4.37 -15.76 -32.48
C TRP A 489 3.11 -15.71 -33.34
N ARG A 490 3.26 -15.93 -34.63
CA ARG A 490 2.10 -15.96 -35.52
C ARG A 490 1.10 -17.05 -35.12
N HIS A 491 1.58 -18.27 -34.81
CA HIS A 491 0.68 -19.33 -34.39
C HIS A 491 0.00 -19.01 -33.06
N ILE A 492 0.74 -18.50 -32.08
CA ILE A 492 0.16 -18.22 -30.75
C ILE A 492 -0.88 -17.10 -30.81
N LEU A 493 -0.79 -16.17 -31.75
CA LEU A 493 -1.80 -15.08 -31.88
C LEU A 493 -3.04 -15.68 -32.56
N LYS A 494 -2.86 -16.61 -33.49
CA LYS A 494 -4.00 -17.31 -34.12
C LYS A 494 -4.70 -18.09 -33.01
N PHE A 495 -3.95 -18.77 -32.15
CA PHE A 495 -4.48 -19.53 -30.99
C PHE A 495 -5.25 -18.57 -30.08
N ARG A 496 -4.70 -17.40 -29.81
CA ARG A 496 -5.30 -16.39 -28.91
C ARG A 496 -6.67 -15.95 -29.43
N ARG A 497 -6.77 -15.63 -30.71
CA ARG A 497 -8.05 -15.17 -31.32
C ARG A 497 -9.07 -16.30 -31.29
N GLN A 498 -8.67 -17.49 -31.66
CA GLN A 498 -9.55 -18.69 -31.71
C GLN A 498 -10.08 -19.02 -30.32
N HIS A 499 -9.33 -18.73 -29.26
CA HIS A 499 -9.75 -19.02 -27.87
C HIS A 499 -9.82 -17.72 -27.07
N LYS A 500 -10.38 -16.68 -27.66
CA LYS A 500 -10.41 -15.33 -27.06
C LYS A 500 -11.29 -15.31 -25.83
N ASP A 501 -12.28 -16.18 -25.73
CA ASP A 501 -13.20 -16.21 -24.57
C ASP A 501 -12.36 -16.42 -23.30
N VAL A 502 -11.27 -17.17 -23.37
CA VAL A 502 -10.44 -17.41 -22.15
C VAL A 502 -9.13 -16.64 -22.20
N MET A 503 -8.58 -16.34 -23.37
CA MET A 503 -7.25 -15.73 -23.47
C MET A 503 -7.34 -14.22 -23.36
N VAL A 504 -8.34 -13.61 -24.01
CA VAL A 504 -8.52 -12.15 -24.05
C VAL A 504 -9.44 -11.69 -22.94
N TYR A 505 -10.57 -12.36 -22.79
CA TYR A 505 -11.64 -11.97 -21.86
C TYR A 505 -11.66 -12.84 -20.60
N GLY A 506 -10.79 -13.82 -20.45
CA GLY A 506 -10.84 -14.76 -19.31
C GLY A 506 -10.41 -14.20 -17.97
N THR A 507 -11.03 -14.62 -16.86
CA THR A 507 -10.64 -14.19 -15.51
C THR A 507 -9.41 -15.02 -15.13
N LEU A 508 -8.39 -14.42 -14.51
CA LEU A 508 -7.15 -15.11 -14.14
C LEU A 508 -7.22 -15.46 -12.66
N GLU A 509 -6.70 -16.59 -12.25
CA GLU A 509 -6.64 -17.02 -10.83
C GLU A 509 -5.29 -17.71 -10.67
N VAL A 510 -4.56 -17.45 -9.59
CA VAL A 510 -3.23 -18.06 -9.36
C VAL A 510 -3.39 -19.35 -8.53
N LEU A 511 -2.69 -20.42 -8.89
CA LEU A 511 -2.65 -21.67 -8.10
C LEU A 511 -1.21 -21.89 -7.64
N ASP A 512 -1.00 -22.76 -6.65
CA ASP A 512 0.35 -23.15 -6.17
C ASP A 512 1.18 -21.88 -5.92
N LYS A 513 0.63 -20.92 -5.19
CA LYS A 513 1.19 -19.57 -4.96
C LYS A 513 2.65 -19.61 -4.51
N GLU A 514 2.95 -20.40 -3.49
CA GLU A 514 4.28 -20.49 -2.86
C GLU A 514 5.35 -21.10 -3.77
N ASN A 515 5.02 -21.79 -4.85
CA ASN A 515 6.02 -22.39 -5.76
C ASN A 515 6.97 -21.31 -6.28
N THR A 516 8.29 -21.43 -6.12
CA THR A 516 9.28 -20.40 -6.52
C THR A 516 9.91 -20.70 -7.88
N LYS A 517 9.69 -21.88 -8.44
CA LYS A 517 10.28 -22.22 -9.75
C LYS A 517 9.22 -22.15 -10.87
N VAL A 518 7.96 -22.48 -10.57
CA VAL A 518 6.90 -22.58 -11.61
C VAL A 518 5.72 -21.67 -11.28
N PHE A 519 5.22 -20.91 -12.26
CA PHE A 519 4.04 -20.04 -12.13
C PHE A 519 2.87 -20.80 -12.76
N THR A 520 1.79 -21.06 -12.04
CA THR A 520 0.62 -21.79 -12.55
C THR A 520 -0.60 -20.90 -12.36
N PHE A 521 -1.42 -20.72 -13.38
CA PHE A 521 -2.65 -19.92 -13.26
C PHE A 521 -3.71 -20.49 -14.22
N THR A 522 -4.96 -20.19 -13.93
CA THR A 522 -6.08 -20.62 -14.78
C THR A 522 -6.71 -19.40 -15.45
N LYS A 523 -7.18 -19.54 -16.69
CA LYS A 523 -7.93 -18.53 -17.46
C LYS A 523 -9.32 -19.11 -17.68
N ALA A 524 -10.37 -18.54 -17.09
CA ALA A 524 -11.72 -19.09 -17.15
C ALA A 524 -12.68 -18.15 -17.87
N SER A 525 -13.43 -18.62 -18.86
CA SER A 525 -14.48 -17.83 -19.54
C SER A 525 -15.75 -17.95 -18.72
N GLU A 526 -16.71 -17.06 -18.89
CA GLU A 526 -18.00 -17.23 -18.17
C GLU A 526 -18.84 -18.24 -18.93
N SER A 527 -18.55 -18.47 -20.21
CA SER A 527 -19.22 -19.51 -21.02
C SER A 527 -19.13 -20.81 -20.23
N GLY A 528 -17.93 -21.13 -19.76
CA GLY A 528 -17.67 -22.31 -18.93
C GLY A 528 -16.20 -22.66 -18.97
N ARG A 529 -15.71 -22.87 -20.18
CA ARG A 529 -14.35 -23.23 -20.61
C ARG A 529 -13.24 -22.65 -19.73
N THR A 530 -12.24 -23.45 -19.36
CA THR A 530 -11.13 -23.02 -18.49
C THR A 530 -9.82 -23.62 -18.98
N PHE A 531 -8.75 -22.83 -19.06
CA PHE A 531 -7.40 -23.30 -19.44
C PHE A 531 -6.50 -23.22 -18.19
N LEU A 532 -5.43 -24.00 -18.17
CA LEU A 532 -4.41 -23.94 -17.10
C LEU A 532 -3.08 -23.69 -17.81
N VAL A 533 -2.28 -22.74 -17.33
CA VAL A 533 -0.98 -22.35 -17.91
C VAL A 533 0.07 -22.59 -16.82
N ALA A 534 1.19 -23.23 -17.14
CA ALA A 534 2.29 -23.49 -16.22
C ALA A 534 3.57 -22.99 -16.89
N LEU A 535 4.35 -22.15 -16.23
CA LEU A 535 5.62 -21.64 -16.81
C LEU A 535 6.79 -22.00 -15.89
N ASN A 536 7.83 -22.65 -16.40
CA ASN A 536 9.05 -22.95 -15.62
C ASN A 536 10.04 -21.83 -15.93
N PHE A 537 10.18 -20.83 -15.07
CA PHE A 537 11.06 -19.66 -15.28
C PHE A 537 12.53 -19.99 -15.00
N THR A 538 12.87 -21.15 -14.42
CA THR A 538 14.28 -21.53 -14.12
C THR A 538 14.90 -22.25 -15.31
N ASP A 539 16.20 -22.51 -15.30
CA ASP A 539 16.86 -23.17 -16.45
C ASP A 539 17.29 -24.59 -16.11
N LYS A 540 16.63 -25.23 -15.16
CA LYS A 540 16.82 -26.66 -14.80
C LYS A 540 15.45 -27.32 -14.89
N ALA A 541 15.38 -28.61 -15.20
CA ALA A 541 14.11 -29.36 -15.24
C ALA A 541 13.51 -29.33 -13.83
N VAL A 542 12.21 -29.15 -13.70
CA VAL A 542 11.51 -29.08 -12.40
C VAL A 542 10.41 -30.13 -12.41
N ASP A 543 10.18 -30.84 -11.32
CA ASP A 543 9.08 -31.82 -11.26
C ASP A 543 7.81 -30.98 -11.24
N TYR A 544 6.80 -31.34 -12.03
CA TYR A 544 5.54 -30.60 -12.10
C TYR A 544 4.42 -31.60 -12.38
N ASP A 545 3.33 -31.60 -11.62
CA ASP A 545 2.27 -32.59 -11.80
C ASP A 545 0.94 -31.87 -12.00
N VAL A 546 0.48 -31.73 -13.24
CA VAL A 546 -0.77 -30.99 -13.56
C VAL A 546 -1.94 -31.64 -12.83
N ASP A 547 -1.93 -32.94 -12.56
CA ASP A 547 -3.08 -33.58 -11.94
C ASP A 547 -3.34 -33.14 -10.50
N GLN A 548 -2.35 -32.53 -9.83
CA GLN A 548 -2.59 -31.96 -8.51
C GLN A 548 -3.33 -30.61 -8.58
N PHE A 549 -3.41 -29.98 -9.74
CA PHE A 549 -4.09 -28.69 -9.86
C PHE A 549 -5.30 -28.71 -10.76
N ALA A 550 -5.60 -29.79 -11.49
CA ALA A 550 -6.74 -29.92 -12.43
C ALA A 550 -7.19 -31.38 -12.45
N SER A 551 -8.45 -31.70 -12.15
CA SER A 551 -8.99 -33.08 -12.14
C SER A 551 -8.67 -33.81 -13.44
N LYS A 552 -9.03 -33.20 -14.57
CA LYS A 552 -8.82 -33.73 -15.93
C LYS A 552 -8.16 -32.62 -16.76
N SER A 553 -7.24 -32.97 -17.65
CA SER A 553 -6.51 -31.98 -18.47
C SER A 553 -6.08 -32.59 -19.80
N THR A 554 -5.99 -31.78 -20.83
CA THR A 554 -5.52 -32.17 -22.17
C THR A 554 -4.49 -31.14 -22.61
N LEU A 555 -3.28 -31.52 -22.94
CA LEU A 555 -2.24 -30.58 -23.38
C LEU A 555 -2.63 -29.94 -24.71
N LEU A 556 -2.68 -28.62 -24.82
CA LEU A 556 -2.89 -27.97 -26.12
C LEU A 556 -1.59 -27.59 -26.78
N LEU A 557 -0.68 -26.92 -26.07
CA LEU A 557 0.65 -26.62 -26.65
C LEU A 557 1.70 -26.40 -25.56
N SER A 558 2.95 -26.69 -25.91
CA SER A 558 4.14 -26.47 -25.08
C SER A 558 5.08 -25.64 -25.95
N SER A 559 5.84 -24.72 -25.36
CA SER A 559 6.79 -23.82 -26.04
C SER A 559 8.01 -24.58 -26.55
N ILE A 560 8.29 -25.78 -26.04
CA ILE A 560 9.41 -26.65 -26.49
C ILE A 560 8.91 -27.69 -27.49
N GLY A 561 7.62 -27.76 -27.79
CA GLY A 561 7.05 -28.75 -28.71
C GLY A 561 6.28 -29.80 -27.95
N ASN A 562 5.04 -30.11 -28.32
CA ASN A 562 4.22 -31.11 -27.61
C ASN A 562 4.95 -32.45 -27.53
N VAL A 563 5.63 -32.91 -28.56
CA VAL A 563 6.25 -34.23 -28.50
C VAL A 563 7.43 -34.25 -27.49
N HIS A 564 8.00 -33.09 -27.16
CA HIS A 564 9.11 -32.92 -26.20
C HIS A 564 8.60 -32.74 -24.78
N HIS A 565 7.32 -32.49 -24.58
CA HIS A 565 6.76 -32.33 -23.22
C HIS A 565 6.83 -33.68 -22.51
N LYS A 566 7.39 -33.75 -21.30
CA LYS A 566 7.47 -35.00 -20.55
C LYS A 566 6.42 -34.90 -19.44
N SER A 567 5.49 -35.84 -19.32
CA SER A 567 4.53 -35.83 -18.23
C SER A 567 5.30 -35.87 -16.91
N GLY A 568 4.89 -35.10 -15.91
CA GLY A 568 5.56 -35.16 -14.61
C GLY A 568 6.79 -34.27 -14.49
N SER A 569 7.07 -33.43 -15.47
CA SER A 569 8.17 -32.44 -15.41
C SER A 569 7.93 -31.29 -16.38
N LEU A 570 8.60 -30.16 -16.14
CA LEU A 570 8.66 -29.02 -17.07
C LEU A 570 10.14 -28.88 -17.38
N GLN A 571 10.53 -28.76 -18.64
CA GLN A 571 11.93 -28.61 -19.09
C GLN A 571 12.41 -27.15 -18.83
N PRO A 572 13.71 -26.83 -18.88
CA PRO A 572 14.13 -25.45 -18.63
C PRO A 572 13.44 -24.44 -19.56
N LEU A 573 12.73 -23.44 -19.04
CA LEU A 573 12.02 -22.38 -19.79
C LEU A 573 10.96 -23.01 -20.72
N GLU A 574 10.17 -23.92 -20.17
CA GLU A 574 9.06 -24.57 -20.89
C GLU A 574 7.76 -23.96 -20.35
N ALA A 575 6.88 -23.48 -21.21
CA ALA A 575 5.55 -22.97 -20.83
C ALA A 575 4.54 -23.89 -21.51
N VAL A 576 3.45 -24.25 -20.86
CA VAL A 576 2.46 -25.21 -21.42
C VAL A 576 1.05 -24.66 -21.19
N ILE A 577 0.14 -24.93 -22.12
CA ILE A 577 -1.28 -24.53 -21.98
C ILE A 577 -2.09 -25.82 -21.99
N PHE A 578 -3.00 -26.03 -21.04
CA PHE A 578 -3.86 -27.22 -20.94
C PHE A 578 -5.31 -26.80 -20.94
N GLU A 579 -6.21 -27.59 -21.51
CA GLU A 579 -7.66 -27.37 -21.33
C GLU A 579 -8.03 -28.23 -20.11
N ILE A 580 -8.79 -27.73 -19.16
CA ILE A 580 -9.11 -28.45 -17.89
C ILE A 580 -10.62 -28.42 -17.62
N HIS A 581 -11.04 -29.01 -16.48
CA HIS A 581 -12.37 -29.03 -15.81
C HIS A 581 -13.28 -30.12 -16.40
N GLU B 11 -23.69 3.82 -2.68
CA GLU B 11 -23.80 3.85 -1.19
C GLU B 11 -22.67 2.99 -0.59
N ARG B 12 -22.17 3.37 0.59
CA ARG B 12 -21.05 2.73 1.33
C ARG B 12 -21.25 1.23 1.59
N ASN B 13 -20.41 0.34 1.05
CA ASN B 13 -20.49 -1.10 1.42
C ASN B 13 -19.64 -1.22 2.69
N THR B 14 -20.23 -1.48 3.84
CA THR B 14 -19.53 -1.48 5.14
C THR B 14 -19.39 -2.86 5.79
N ALA B 15 -19.84 -3.92 5.12
CA ALA B 15 -19.81 -5.28 5.68
C ALA B 15 -18.40 -5.67 6.10
N TRP B 16 -17.41 -5.38 5.26
CA TRP B 16 -16.01 -5.83 5.47
C TRP B 16 -15.46 -5.44 6.86
N TRP B 17 -15.78 -4.26 7.37
CA TRP B 17 -15.26 -3.79 8.68
C TRP B 17 -16.21 -4.18 9.80
N ARG B 18 -17.45 -4.48 9.49
CA ARG B 18 -18.42 -4.90 10.52
C ARG B 18 -18.12 -6.34 10.95
N GLU B 19 -17.68 -7.19 10.03
CA GLU B 19 -17.46 -8.62 10.33
C GLU B 19 -16.00 -9.01 10.17
N GLY B 20 -15.11 -8.07 9.94
CA GLY B 20 -13.67 -8.40 9.82
C GLY B 20 -13.03 -8.66 11.17
N THR B 21 -11.98 -9.46 11.20
CA THR B 21 -11.16 -9.77 12.38
C THR B 21 -9.91 -8.86 12.26
N VAL B 22 -9.60 -8.06 13.26
CA VAL B 22 -8.46 -7.12 13.24
C VAL B 22 -7.33 -7.68 14.09
N TYR B 23 -6.12 -7.81 13.53
CA TYR B 23 -4.91 -8.26 14.22
C TYR B 23 -4.01 -7.04 14.43
N GLN B 24 -3.75 -6.61 15.67
CA GLN B 24 -2.91 -5.43 15.94
C GLN B 24 -1.43 -5.81 15.97
N VAL B 25 -0.57 -5.15 15.21
CA VAL B 25 0.89 -5.40 15.21
C VAL B 25 1.58 -4.23 15.93
N TYR B 26 2.59 -4.52 16.75
CA TYR B 26 3.44 -3.57 17.50
C TYR B 26 4.79 -3.65 16.81
N PRO B 27 5.18 -2.74 15.90
CA PRO B 27 6.34 -2.94 15.09
C PRO B 27 7.63 -3.21 15.85
N SER B 28 7.83 -2.57 17.00
CA SER B 28 9.07 -2.84 17.74
C SER B 28 9.08 -4.26 18.31
N SER B 29 7.96 -4.90 18.53
CA SER B 29 7.95 -6.21 19.22
C SER B 29 7.42 -7.37 18.37
N PHE B 30 7.22 -7.23 17.06
CA PHE B 30 6.64 -8.34 16.25
C PHE B 30 7.73 -9.22 15.63
N LYS B 31 8.61 -8.72 14.77
CA LYS B 31 9.66 -9.52 14.16
C LYS B 31 10.83 -8.65 13.71
N ASP B 32 12.08 -9.00 14.07
CA ASP B 32 13.31 -8.26 13.73
C ASP B 32 13.98 -9.02 12.59
N SER B 33 14.29 -8.38 11.47
CA SER B 33 14.93 -9.06 10.31
C SER B 33 16.39 -8.67 10.12
N ASN B 34 16.94 -7.70 10.86
CA ASN B 34 18.36 -7.27 10.66
C ASN B 34 19.24 -7.53 11.87
N GLY B 35 18.73 -8.13 12.95
CA GLY B 35 19.49 -8.54 14.13
C GLY B 35 19.91 -7.43 15.07
N ASP B 36 19.16 -6.35 15.16
CA ASP B 36 19.49 -5.20 16.05
C ASP B 36 18.57 -5.18 17.26
N GLY B 37 17.65 -6.14 17.42
CA GLY B 37 16.76 -6.23 18.58
C GLY B 37 15.49 -5.42 18.47
N ILE B 38 15.31 -4.69 17.41
CA ILE B 38 14.10 -3.85 17.28
C ILE B 38 13.31 -4.48 16.16
N GLY B 39 11.99 -4.72 16.26
CA GLY B 39 11.12 -5.16 15.19
C GLY B 39 11.05 -4.13 14.06
N ASP B 40 10.64 -4.53 12.83
CA ASP B 40 10.67 -3.68 11.62
C ASP B 40 9.70 -4.19 10.55
N ILE B 41 9.45 -3.33 9.57
CA ILE B 41 8.47 -3.52 8.47
C ILE B 41 8.85 -4.73 7.62
N PRO B 42 10.11 -4.99 7.24
CA PRO B 42 10.43 -6.23 6.55
C PRO B 42 10.06 -7.45 7.41
N GLY B 43 10.27 -7.37 8.72
CA GLY B 43 9.88 -8.39 9.69
C GLY B 43 8.38 -8.61 9.62
N ILE B 44 7.58 -7.58 9.55
CA ILE B 44 6.11 -7.73 9.48
C ILE B 44 5.72 -8.39 8.14
N ILE B 45 6.30 -7.95 7.05
CA ILE B 45 6.02 -8.43 5.68
C ILE B 45 6.30 -9.95 5.64
N SER B 46 7.35 -10.41 6.29
CA SER B 46 7.70 -11.82 6.23
C SER B 46 6.72 -12.69 6.99
N LYS B 47 5.82 -12.10 7.77
CA LYS B 47 4.91 -12.81 8.66
C LYS B 47 3.46 -12.52 8.30
N LEU B 48 3.18 -11.96 7.13
CA LEU B 48 1.80 -11.60 6.73
C LEU B 48 1.04 -12.90 6.46
N ASP B 49 1.71 -13.91 5.93
CA ASP B 49 1.10 -15.22 5.66
C ASP B 49 0.68 -15.81 7.02
N TYR B 50 1.48 -15.67 8.05
CA TYR B 50 1.13 -16.20 9.38
C TYR B 50 -0.06 -15.39 9.88
N ILE B 51 -0.01 -14.06 9.82
CA ILE B 51 -1.11 -13.24 10.31
C ILE B 51 -2.43 -13.64 9.64
N LYS B 52 -2.39 -13.86 8.33
CA LYS B 52 -3.60 -14.24 7.57
C LYS B 52 -4.08 -15.62 8.01
N SER B 53 -3.17 -16.55 8.25
CA SER B 53 -3.57 -17.89 8.62
C SER B 53 -4.27 -17.92 9.97
N VAL B 54 -4.20 -16.85 10.74
CA VAL B 54 -4.88 -16.76 12.06
C VAL B 54 -6.36 -16.54 11.84
N GLY B 55 -6.75 -15.99 10.70
CA GLY B 55 -8.15 -15.66 10.48
C GLY B 55 -8.35 -14.20 10.26
N THR B 56 -7.24 -13.48 10.23
CA THR B 56 -7.25 -12.02 10.21
C THR B 56 -7.77 -11.48 8.90
N ASP B 57 -8.63 -10.46 8.93
CA ASP B 57 -9.06 -9.74 7.72
C ASP B 57 -8.33 -8.38 7.62
N ILE B 58 -8.09 -7.69 8.73
CA ILE B 58 -7.49 -6.32 8.77
C ILE B 58 -6.28 -6.27 9.73
N VAL B 59 -5.12 -5.77 9.29
CA VAL B 59 -3.92 -5.53 10.15
C VAL B 59 -3.95 -4.09 10.66
N TRP B 60 -3.89 -3.86 11.98
CA TRP B 60 -3.76 -2.51 12.58
C TRP B 60 -2.27 -2.31 12.91
N LEU B 61 -1.53 -1.54 12.12
CA LEU B 61 -0.12 -1.23 12.39
C LEU B 61 -0.06 -0.10 13.43
N SER B 62 0.67 -0.27 14.55
CA SER B 62 0.86 0.72 15.63
C SER B 62 1.83 1.79 15.14
N PRO B 63 1.92 3.01 15.75
CA PRO B 63 2.74 4.13 15.23
C PRO B 63 4.14 3.78 14.68
N HIS B 64 4.37 3.95 13.39
CA HIS B 64 5.64 3.61 12.71
C HIS B 64 6.32 4.84 12.09
N TYR B 65 5.81 6.04 12.35
CA TYR B 65 6.31 7.31 11.78
C TYR B 65 7.54 7.80 12.55
N LYS B 66 8.28 8.76 11.97
CA LYS B 66 9.49 9.36 12.55
C LYS B 66 9.15 9.78 13.97
N SER B 67 9.94 9.39 14.95
CA SER B 67 9.61 9.60 16.38
C SER B 67 10.85 9.35 17.23
N PRO B 68 11.10 10.14 18.30
CA PRO B 68 12.24 9.88 19.16
C PRO B 68 12.03 8.70 20.14
N GLN B 69 10.82 8.14 20.21
CA GLN B 69 10.38 6.91 20.93
C GLN B 69 10.22 7.18 22.42
N VAL B 70 9.96 8.40 22.80
CA VAL B 70 9.71 8.75 24.22
C VAL B 70 8.48 7.95 24.66
N ASP B 71 7.48 7.82 23.78
CA ASP B 71 6.24 7.07 24.06
C ASP B 71 6.05 5.99 22.99
N MET B 72 7.15 5.44 22.50
CA MET B 72 7.21 4.34 21.52
C MET B 72 6.32 4.60 20.29
N GLY B 73 6.56 5.71 19.61
CA GLY B 73 5.92 6.06 18.35
C GLY B 73 4.74 6.99 18.48
N TYR B 74 4.15 7.16 19.66
CA TYR B 74 2.99 8.05 19.88
C TYR B 74 3.44 9.52 20.09
N ASP B 75 4.74 9.80 20.06
CA ASP B 75 5.33 11.16 20.04
C ASP B 75 5.81 11.29 18.61
N ILE B 76 5.03 11.86 17.71
CA ILE B 76 5.35 11.90 16.26
C ILE B 76 6.13 13.18 15.92
N SER B 77 7.26 13.04 15.22
CA SER B 77 8.19 14.12 14.90
C SER B 77 8.24 14.42 13.40
N ASP B 78 7.33 13.90 12.56
CA ASP B 78 7.23 14.12 11.09
C ASP B 78 6.21 13.08 10.62
N TYR B 79 4.97 13.47 10.34
CA TYR B 79 3.90 12.56 9.89
C TYR B 79 4.25 11.91 8.54
N LYS B 80 5.08 12.49 7.68
CA LYS B 80 5.33 11.89 6.35
C LYS B 80 6.68 11.19 6.26
N ALA B 81 7.24 10.72 7.35
CA ALA B 81 8.55 10.01 7.35
C ALA B 81 8.41 8.76 8.22
N ILE B 82 9.21 7.75 7.95
CA ILE B 82 9.15 6.45 8.67
C ILE B 82 10.33 6.31 9.65
N HIS B 83 10.09 5.84 10.88
CA HIS B 83 11.13 5.59 11.90
C HIS B 83 12.21 4.71 11.27
N GLU B 84 13.41 5.23 11.00
CA GLU B 84 14.51 4.53 10.31
C GLU B 84 14.69 3.08 10.81
N PRO B 85 14.81 2.74 12.11
CA PRO B 85 14.89 1.33 12.52
C PRO B 85 13.79 0.42 11.96
N TYR B 86 12.58 0.93 11.78
CA TYR B 86 11.43 0.15 11.24
C TYR B 86 11.64 -0.06 9.75
N GLY B 87 12.32 0.86 9.08
CA GLY B 87 12.58 0.73 7.64
C GLY B 87 12.46 2.06 6.93
N THR B 88 12.50 2.06 5.60
CA THR B 88 12.42 3.24 4.71
C THR B 88 10.97 3.56 4.37
N PHE B 89 10.75 4.65 3.65
CA PHE B 89 9.41 5.10 3.19
C PHE B 89 8.89 4.04 2.22
N ASP B 90 9.75 3.46 1.41
CA ASP B 90 9.36 2.47 0.38
C ASP B 90 8.94 1.16 1.05
N ASP B 91 9.50 0.82 2.21
CA ASP B 91 9.15 -0.39 3.00
C ASP B 91 7.70 -0.25 3.46
N CYS B 92 7.26 0.95 3.82
CA CYS B 92 5.88 1.21 4.28
C CYS B 92 4.92 1.10 3.10
N ILE B 93 5.31 1.60 1.94
CA ILE B 93 4.50 1.52 0.70
C ILE B 93 4.39 0.04 0.31
N LYS B 94 5.50 -0.68 0.35
CA LYS B 94 5.60 -2.11 0.02
C LYS B 94 4.69 -2.88 0.96
N LEU B 95 4.65 -2.55 2.25
CA LEU B 95 3.79 -3.21 3.25
C LEU B 95 2.32 -3.09 2.84
N ILE B 96 1.88 -1.92 2.42
CA ILE B 96 0.47 -1.69 2.01
C ILE B 96 0.13 -2.64 0.86
N GLN B 97 1.02 -2.75 -0.12
CA GLN B 97 0.85 -3.60 -1.30
C GLN B 97 0.81 -5.07 -0.88
N GLU B 98 1.78 -5.54 -0.10
CA GLU B 98 1.90 -6.94 0.39
C GLU B 98 0.63 -7.38 1.11
N CYS B 99 0.03 -6.51 1.90
CA CYS B 99 -1.24 -6.78 2.59
C CYS B 99 -2.34 -6.96 1.53
N HIS B 100 -2.47 -5.99 0.63
CA HIS B 100 -3.49 -5.96 -0.44
C HIS B 100 -3.40 -7.20 -1.32
N ASP B 101 -2.19 -7.65 -1.63
CA ASP B 101 -1.90 -8.81 -2.49
C ASP B 101 -2.27 -10.13 -1.79
N ARG B 102 -2.31 -10.14 -0.46
CA ARG B 102 -2.68 -11.31 0.35
C ARG B 102 -4.15 -11.25 0.74
N GLY B 103 -4.91 -10.25 0.32
CA GLY B 103 -6.34 -10.16 0.64
C GLY B 103 -6.59 -9.47 1.97
N LEU B 104 -5.56 -8.92 2.61
CA LEU B 104 -5.69 -8.23 3.91
C LEU B 104 -5.81 -6.72 3.72
N LYS B 105 -6.57 -6.05 4.58
CA LYS B 105 -6.63 -4.60 4.70
C LYS B 105 -5.65 -4.13 5.79
N ILE B 106 -5.27 -2.86 5.73
CA ILE B 106 -4.31 -2.34 6.72
C ILE B 106 -4.78 -0.97 7.16
N ILE B 107 -4.99 -0.80 8.45
CA ILE B 107 -5.21 0.54 9.01
C ILE B 107 -3.97 0.99 9.76
N PHE B 108 -3.66 2.29 9.71
CA PHE B 108 -2.52 2.96 10.35
C PHE B 108 -3.04 3.64 11.62
N ASP B 109 -2.13 4.13 12.45
CA ASP B 109 -2.46 4.80 13.72
C ASP B 109 -2.50 6.32 13.50
N LEU B 110 -3.53 7.02 13.94
CA LEU B 110 -3.65 8.47 13.76
C LEU B 110 -3.45 9.16 15.11
N VAL B 111 -2.30 9.78 15.37
CA VAL B 111 -1.96 10.46 16.64
C VAL B 111 -1.99 11.96 16.37
N VAL B 112 -3.09 12.63 16.64
CA VAL B 112 -3.23 14.09 16.37
C VAL B 112 -3.72 14.85 17.61
N ASN B 113 -3.68 14.28 18.81
CA ASN B 113 -3.99 15.07 20.02
C ASN B 113 -2.73 15.84 20.41
N HIS B 114 -1.56 15.33 20.06
CA HIS B 114 -0.24 15.91 20.38
C HIS B 114 0.77 15.45 19.34
N THR B 115 1.87 16.19 19.22
CA THR B 115 3.01 15.83 18.37
C THR B 115 4.22 15.64 19.29
N SER B 116 5.38 15.34 18.76
CA SER B 116 6.62 15.25 19.55
C SER B 116 7.10 16.69 19.76
N ASP B 117 7.93 16.91 20.76
CA ASP B 117 8.54 18.24 20.97
C ASP B 117 9.57 18.45 19.85
N GLN B 118 10.12 17.39 19.25
CA GLN B 118 11.08 17.42 18.13
C GLN B 118 10.41 17.68 16.77
N HIS B 119 9.08 17.79 16.64
CA HIS B 119 8.43 18.12 15.38
C HIS B 119 8.65 19.57 15.02
N GLU B 120 8.80 19.86 13.72
CA GLU B 120 9.10 21.22 13.27
C GLU B 120 8.03 22.20 13.74
N TRP B 121 6.76 21.80 13.72
CA TRP B 121 5.71 22.71 14.20
C TRP B 121 6.07 23.20 15.59
N PHE B 122 6.40 22.29 16.51
CA PHE B 122 6.72 22.65 17.90
C PHE B 122 8.05 23.37 18.04
N LYS B 123 9.04 23.11 17.21
CA LYS B 123 10.28 23.88 17.31
C LYS B 123 10.02 25.35 16.95
N GLN B 124 9.16 25.59 15.96
CA GLN B 124 8.75 26.95 15.63
C GLN B 124 7.92 27.54 16.76
N SER B 125 6.86 26.86 17.15
CA SER B 125 5.87 27.30 18.17
C SER B 125 6.55 27.80 19.44
N ARG B 126 7.56 27.09 19.93
CA ARG B 126 8.22 27.41 21.20
C ARG B 126 9.33 28.47 21.05
N SER B 127 9.74 28.80 19.84
CA SER B 127 10.88 29.71 19.52
C SER B 127 10.67 31.12 20.05
N SER B 128 9.46 31.66 19.97
CA SER B 128 9.12 33.03 20.43
C SER B 128 7.60 33.14 20.47
N LYS B 129 7.06 34.07 21.25
CA LYS B 129 5.60 34.28 21.39
C LYS B 129 5.02 34.90 20.12
N SER B 130 5.83 35.54 19.28
CA SER B 130 5.40 36.19 18.03
C SER B 130 5.56 35.25 16.83
N ASN B 131 5.99 34.00 17.03
CA ASN B 131 6.13 33.01 15.93
C ASN B 131 4.76 32.73 15.31
N ALA B 132 4.70 32.47 14.00
CA ALA B 132 3.47 32.20 13.23
C ALA B 132 2.73 30.97 13.76
N LYS B 133 3.45 29.96 14.25
CA LYS B 133 2.83 28.72 14.77
C LYS B 133 2.79 28.72 16.30
N ARG B 134 2.88 29.86 16.97
CA ARG B 134 2.82 29.95 18.44
C ARG B 134 1.49 29.37 18.94
N ASP B 135 0.38 29.74 18.35
CA ASP B 135 -0.96 29.30 18.84
C ASP B 135 -1.38 27.94 18.25
N TRP B 136 -0.50 27.22 17.55
CA TRP B 136 -0.70 25.83 17.11
C TRP B 136 -0.63 24.89 18.31
N TYR B 137 -0.01 25.33 19.41
CA TYR B 137 0.05 24.58 20.68
C TYR B 137 -0.66 25.42 21.74
N ILE B 138 -0.75 24.89 22.96
CA ILE B 138 -1.50 25.54 24.07
C ILE B 138 -0.52 26.17 25.06
N TRP B 139 -0.29 27.47 24.95
CA TRP B 139 0.62 28.24 25.83
C TRP B 139 -0.24 29.09 26.77
N LYS B 140 0.00 29.05 28.07
CA LYS B 140 -0.78 29.83 29.06
C LYS B 140 0.20 30.50 30.03
N PRO B 141 -0.04 31.73 30.50
CA PRO B 141 0.87 32.35 31.44
C PRO B 141 0.79 31.70 32.81
N ALA B 142 1.85 31.87 33.60
CA ALA B 142 2.02 31.30 34.94
C ALA B 142 1.03 31.88 35.95
N LYS B 143 0.77 31.14 37.02
CA LYS B 143 -0.06 31.59 38.16
C LYS B 143 0.87 31.64 39.37
N TYR B 144 0.49 32.36 40.42
CA TYR B 144 1.37 32.51 41.59
C TYR B 144 0.66 31.92 42.82
N ASP B 145 1.44 31.40 43.78
CA ASP B 145 0.97 30.78 45.04
C ASP B 145 0.98 31.87 46.14
N GLU B 146 0.88 31.50 47.42
CA GLU B 146 0.87 32.45 48.56
C GLU B 146 2.22 33.14 48.75
N GLN B 147 3.31 32.52 48.34
CA GLN B 147 4.68 33.08 48.51
C GLN B 147 5.17 33.86 47.29
N GLY B 148 4.36 33.98 46.25
CA GLY B 148 4.72 34.69 45.00
C GLY B 148 5.54 33.82 44.07
N ASN B 149 5.61 32.51 44.32
CA ASN B 149 6.36 31.57 43.47
C ASN B 149 5.49 31.13 42.29
N ARG B 150 6.14 30.67 41.23
CA ARG B 150 5.52 30.21 39.97
C ARG B 150 4.82 28.87 40.19
N ILE B 151 3.57 28.71 39.75
CA ILE B 151 2.82 27.41 39.78
C ILE B 151 2.05 27.33 38.46
N PRO B 152 1.72 26.14 37.91
CA PRO B 152 1.01 26.08 36.64
C PRO B 152 -0.43 26.62 36.65
N PRO B 153 -1.05 26.93 35.49
CA PRO B 153 -2.41 27.48 35.46
C PRO B 153 -3.54 26.74 36.17
N ASN B 154 -3.44 25.44 36.42
CA ASN B 154 -4.48 24.65 37.14
C ASN B 154 -3.83 23.40 37.73
N ASN B 155 -4.61 22.51 38.35
CA ASN B 155 -4.11 21.28 39.00
C ASN B 155 -4.11 20.05 38.09
N TRP B 156 -4.31 20.19 36.78
CA TRP B 156 -4.33 19.03 35.84
C TRP B 156 -3.10 18.15 36.04
N GLU B 157 -3.26 16.84 36.15
CA GLU B 157 -2.18 15.84 36.27
C GLU B 157 -2.01 15.25 34.87
N SER B 158 -0.80 14.98 34.43
CA SER B 158 -0.57 14.32 33.13
C SER B 158 -0.87 12.84 33.33
N TYR B 159 -1.23 12.11 32.27
CA TYR B 159 -1.54 10.65 32.31
C TYR B 159 -0.33 9.83 32.73
N PHE B 160 0.89 10.32 32.48
CA PHE B 160 2.14 9.65 32.88
C PHE B 160 2.68 10.25 34.19
N GLY B 161 1.92 11.00 34.97
CA GLY B 161 2.39 11.52 36.26
C GLY B 161 2.93 12.94 36.16
N GLY B 162 2.95 13.66 37.27
CA GLY B 162 3.43 15.05 37.36
C GLY B 162 2.38 16.00 36.86
N SER B 163 2.72 17.27 36.66
CA SER B 163 1.78 18.28 36.15
C SER B 163 1.65 18.05 34.65
N ALA B 164 0.61 18.63 34.06
CA ALA B 164 0.29 18.60 32.61
C ALA B 164 0.71 19.90 31.91
N TRP B 165 1.52 20.73 32.55
CA TRP B 165 2.02 22.02 32.06
C TRP B 165 3.54 22.04 32.22
N GLU B 166 4.30 22.29 31.17
CA GLU B 166 5.77 22.33 31.22
C GLU B 166 6.20 23.78 31.01
N TRP B 167 7.10 24.29 31.85
CA TRP B 167 7.56 25.69 31.80
C TRP B 167 8.61 25.87 30.70
N ASP B 168 8.38 26.74 29.74
CA ASP B 168 9.44 27.08 28.75
C ASP B 168 10.14 28.31 29.35
N GLU B 169 11.45 28.25 29.57
CA GLU B 169 12.18 29.38 30.15
C GLU B 169 12.40 30.48 29.11
N GLU B 170 12.60 30.11 27.84
CA GLU B 170 12.86 31.09 26.79
C GLU B 170 11.70 32.07 26.64
N THR B 171 10.49 31.51 26.53
CA THR B 171 9.26 32.27 26.22
C THR B 171 8.42 32.56 27.44
N GLN B 172 8.89 32.29 28.64
CA GLN B 172 8.20 32.66 29.90
C GLN B 172 6.72 32.30 29.87
N GLU B 173 6.41 31.02 29.61
CA GLU B 173 5.01 30.52 29.53
C GLU B 173 4.96 28.98 29.68
N TYR B 174 3.82 28.47 30.11
CA TYR B 174 3.56 27.02 30.29
C TYR B 174 2.91 26.45 29.03
N TYR B 175 3.34 25.29 28.53
CA TYR B 175 2.71 24.62 27.37
C TYR B 175 2.04 23.33 27.88
N LEU B 176 0.82 23.02 27.44
CA LEU B 176 0.05 21.84 27.91
C LEU B 176 0.57 20.55 27.27
N HIS B 177 0.62 19.46 28.05
CA HIS B 177 1.02 18.11 27.62
C HIS B 177 0.22 17.13 28.48
N LEU B 178 -0.83 16.50 27.94
CA LEU B 178 -1.62 15.51 28.69
C LEU B 178 -0.81 14.23 28.84
N PHE B 179 0.14 13.97 27.95
CA PHE B 179 0.98 12.75 28.00
C PHE B 179 2.40 13.13 28.47
N ALA B 180 3.51 12.72 27.83
CA ALA B 180 4.89 13.03 28.28
C ALA B 180 5.22 14.48 27.95
N LYS B 181 6.16 15.12 28.61
CA LYS B 181 6.58 16.53 28.42
C LYS B 181 7.06 16.69 26.98
N GLU B 182 7.56 15.62 26.33
CA GLU B 182 7.98 15.64 24.90
C GLU B 182 6.79 15.45 23.94
N GLN B 183 5.57 15.34 24.45
CA GLN B 183 4.32 15.25 23.67
C GLN B 183 3.48 16.49 23.94
N PRO B 184 3.79 17.68 23.39
CA PRO B 184 2.94 18.82 23.60
C PRO B 184 1.59 18.69 22.88
N ASP B 185 0.49 19.09 23.52
CA ASP B 185 -0.89 19.01 23.00
C ASP B 185 -1.10 20.06 21.91
N ILE B 186 -1.89 19.74 20.90
CA ILE B 186 -2.21 20.65 19.77
C ILE B 186 -3.36 21.55 20.22
N ASN B 187 -3.40 22.79 19.78
CA ASN B 187 -4.51 23.73 20.09
C ASN B 187 -5.54 23.55 18.99
N TRP B 188 -6.56 22.71 19.21
CA TRP B 188 -7.59 22.38 18.20
C TRP B 188 -8.47 23.59 17.87
N ARG B 189 -8.45 24.66 18.68
CA ARG B 189 -9.18 25.92 18.36
C ARG B 189 -8.46 26.68 17.24
N ASN B 190 -7.19 26.38 16.95
CA ASN B 190 -6.42 27.04 15.86
C ASN B 190 -6.69 26.35 14.53
N LEU B 191 -7.43 26.96 13.61
CA LEU B 191 -7.78 26.36 12.31
C LEU B 191 -6.56 26.15 11.43
N GLN B 192 -5.49 26.93 11.58
CA GLN B 192 -4.31 26.76 10.69
C GLN B 192 -3.68 25.40 11.00
N ALA B 193 -3.61 25.05 12.28
CA ALA B 193 -3.03 23.78 12.77
C ALA B 193 -3.86 22.63 12.21
N ARG B 194 -5.18 22.78 12.29
CA ARG B 194 -6.19 21.81 11.78
C ARG B 194 -5.82 21.42 10.36
N GLU B 195 -5.64 22.40 9.49
CA GLU B 195 -5.35 22.20 8.06
C GLU B 195 -4.06 21.44 7.86
N ALA B 196 -3.05 21.69 8.69
CA ALA B 196 -1.73 21.04 8.57
C ALA B 196 -1.90 19.56 8.94
N ILE B 197 -2.64 19.31 10.01
CA ILE B 197 -2.90 17.95 10.54
C ILE B 197 -3.70 17.15 9.50
N TYR B 198 -4.76 17.73 8.94
CA TYR B 198 -5.62 17.11 7.91
C TYR B 198 -4.78 16.75 6.70
N LYS B 199 -3.84 17.59 6.31
CA LYS B 199 -3.01 17.39 5.12
C LYS B 199 -1.90 16.37 5.34
N ASP B 200 -1.15 16.48 6.43
CA ASP B 200 0.05 15.64 6.68
C ASP B 200 -0.30 14.30 7.32
N ALA B 201 -1.09 14.30 8.37
CA ALA B 201 -1.45 13.13 9.18
C ALA B 201 -2.57 12.28 8.55
N ILE B 202 -3.63 12.90 8.01
CA ILE B 202 -4.82 12.17 7.48
C ILE B 202 -4.77 11.94 5.97
N LEU B 203 -4.96 12.95 5.13
CA LEU B 203 -5.07 12.77 3.66
C LEU B 203 -3.80 12.24 3.03
N PHE B 204 -2.62 12.60 3.50
CA PHE B 204 -1.36 12.11 2.89
C PHE B 204 -1.37 10.58 2.89
N TRP B 205 -1.81 9.96 3.99
CA TRP B 205 -1.78 8.48 4.11
C TRP B 205 -2.98 7.85 3.38
N LEU B 206 -4.17 8.41 3.48
CA LEU B 206 -5.31 7.89 2.70
C LEU B 206 -5.00 7.85 1.20
N ASP B 207 -4.22 8.82 0.70
CA ASP B 207 -3.81 8.94 -0.73
C ASP B 207 -2.82 7.84 -1.12
N ARG B 208 -2.21 7.22 -0.13
CA ARG B 208 -1.28 6.06 -0.27
C ARG B 208 -2.06 4.75 -0.29
N GLY B 209 -3.37 4.75 -0.08
CA GLY B 209 -4.23 3.56 -0.21
C GLY B 209 -4.44 2.77 1.05
N ILE B 210 -4.36 3.36 2.24
CA ILE B 210 -4.62 2.57 3.48
C ILE B 210 -6.13 2.39 3.64
N ASP B 211 -6.57 1.43 4.43
CA ASP B 211 -8.02 1.12 4.57
C ASP B 211 -8.65 1.81 5.77
N GLY B 212 -7.96 2.70 6.46
CA GLY B 212 -8.56 3.44 7.56
C GLY B 212 -7.55 3.76 8.64
N PHE B 213 -8.03 4.19 9.80
CA PHE B 213 -7.16 4.55 10.92
C PHE B 213 -7.75 4.11 12.25
N ARG B 214 -6.89 3.82 13.21
CA ARG B 214 -7.28 3.69 14.63
C ARG B 214 -7.01 5.13 15.11
N ILE B 215 -8.01 5.85 15.59
CA ILE B 215 -7.87 7.27 15.97
C ILE B 215 -7.55 7.36 17.46
N ASP B 216 -6.32 7.71 17.85
CA ASP B 216 -5.90 7.78 19.27
C ASP B 216 -6.68 8.84 20.04
N THR B 217 -6.95 8.61 21.33
CA THR B 217 -7.64 9.51 22.28
C THR B 217 -8.65 10.40 21.56
N VAL B 218 -9.62 9.80 20.90
CA VAL B 218 -10.64 10.46 20.03
C VAL B 218 -11.58 11.39 20.81
N GLN B 219 -11.70 11.27 22.13
CA GLN B 219 -12.61 12.11 22.95
C GLN B 219 -11.98 13.43 23.43
N ILE B 220 -10.65 13.52 23.57
CA ILE B 220 -9.99 14.65 24.27
C ILE B 220 -9.37 15.73 23.38
N TYR B 221 -9.68 15.83 22.10
CA TYR B 221 -9.02 16.85 21.25
C TYR B 221 -9.34 18.28 21.69
N SER B 222 -10.53 18.53 22.22
CA SER B 222 -11.03 19.88 22.55
C SER B 222 -11.02 20.17 24.05
N LYS B 223 -10.11 21.02 24.52
CA LYS B 223 -10.07 21.46 25.94
C LYS B 223 -11.00 22.66 26.05
N PRO B 224 -11.64 22.95 27.19
CA PRO B 224 -12.50 24.11 27.27
C PRO B 224 -11.66 25.39 27.20
N GLU B 225 -12.20 26.47 26.64
CA GLU B 225 -11.54 27.81 26.52
C GLU B 225 -11.06 28.24 27.90
N ASP B 226 -11.96 28.12 28.89
CA ASP B 226 -11.84 28.45 30.33
C ASP B 226 -10.67 27.75 31.01
N PHE B 227 -10.31 26.55 30.57
CA PHE B 227 -9.23 25.70 31.15
C PHE B 227 -9.35 25.64 32.68
N PRO B 228 -10.46 25.16 33.28
CA PRO B 228 -10.60 25.15 34.74
C PRO B 228 -10.00 23.95 35.46
N ASP B 229 -9.90 24.04 36.79
CA ASP B 229 -9.33 22.99 37.67
C ASP B 229 -10.14 21.70 37.52
N ALA B 230 -9.49 20.54 37.57
CA ALA B 230 -10.11 19.21 37.47
C ALA B 230 -10.71 18.84 38.83
N PRO B 231 -11.87 18.17 38.93
CA PRO B 231 -12.48 17.89 40.22
C PRO B 231 -11.67 16.91 41.07
N GLU B 232 -11.85 16.96 42.39
CA GLU B 232 -11.12 16.10 43.35
C GLU B 232 -11.65 14.67 43.21
N ARG B 233 -11.17 13.93 42.20
CA ARG B 233 -11.60 12.56 41.84
C ARG B 233 -10.75 11.52 42.54
N VAL B 234 -9.57 11.89 43.01
CA VAL B 234 -8.70 10.95 43.77
C VAL B 234 -8.48 11.56 45.14
N PRO B 235 -9.41 11.41 46.11
CA PRO B 235 -9.28 12.01 47.44
C PRO B 235 -7.87 12.00 48.05
N GLY B 236 -7.35 13.15 48.49
CA GLY B 236 -6.04 13.27 49.16
C GLY B 236 -4.98 13.93 48.30
N GLN B 237 -4.84 13.45 47.06
CA GLN B 237 -3.82 13.89 46.07
C GLN B 237 -3.91 15.39 45.76
N LYS B 238 -2.78 16.01 45.41
CA LYS B 238 -2.69 17.45 45.08
C LYS B 238 -3.15 17.63 43.63
N LEU B 239 -2.53 16.88 42.73
CA LEU B 239 -2.78 16.90 41.27
C LEU B 239 -4.00 16.00 40.92
N GLN B 240 -4.86 16.41 39.97
CA GLN B 240 -6.04 15.64 39.49
C GLN B 240 -5.96 15.40 37.98
N ASN B 241 -6.26 14.20 37.49
CA ASN B 241 -6.31 13.85 36.05
C ASN B 241 -7.49 14.61 35.47
N PRO B 242 -7.40 15.29 34.32
CA PRO B 242 -8.55 16.02 33.79
C PRO B 242 -9.42 15.36 32.72
N SER B 243 -9.48 14.03 32.70
CA SER B 243 -10.22 13.24 31.67
C SER B 243 -11.66 13.73 31.45
N ILE B 244 -12.42 14.18 32.44
CA ILE B 244 -13.88 14.45 32.34
C ILE B 244 -14.19 15.81 31.73
N ILE B 245 -13.35 16.82 31.92
CA ILE B 245 -13.66 18.14 31.32
C ILE B 245 -13.05 18.17 29.93
N VAL B 246 -12.06 17.33 29.65
CA VAL B 246 -11.45 17.29 28.30
C VAL B 246 -12.20 16.28 27.41
N GLU B 247 -12.81 15.23 27.97
CA GLU B 247 -13.52 14.21 27.15
C GLU B 247 -14.81 14.82 26.58
N THR B 248 -14.98 14.83 25.26
CA THR B 248 -16.14 15.43 24.56
C THR B 248 -16.19 16.90 24.97
N GLY B 249 -15.19 17.67 24.53
CA GLY B 249 -15.07 19.11 24.77
C GLY B 249 -15.92 19.94 23.82
N PRO B 250 -15.99 21.27 24.01
CA PRO B 250 -16.79 22.14 23.15
C PRO B 250 -16.77 21.88 21.65
N GLN B 251 -15.62 21.62 21.03
CA GLN B 251 -15.56 21.41 19.56
C GLN B 251 -15.20 19.96 19.19
N LEU B 252 -15.42 18.97 20.05
CA LEU B 252 -15.02 17.57 19.73
C LEU B 252 -15.81 17.07 18.51
N HIS B 253 -17.13 17.01 18.58
CA HIS B 253 -17.96 16.50 17.46
C HIS B 253 -17.69 17.35 16.23
N GLU B 254 -17.55 18.67 16.40
CA GLU B 254 -17.26 19.62 15.31
C GLU B 254 -16.04 19.13 14.53
N ILE B 255 -14.96 18.77 15.22
CA ILE B 255 -13.69 18.33 14.58
C ILE B 255 -13.91 17.00 13.84
N LEU B 256 -14.58 16.05 14.49
CA LEU B 256 -14.85 14.71 13.89
C LEU B 256 -15.62 14.91 12.59
N GLN B 257 -16.69 15.70 12.62
CA GLN B 257 -17.50 15.99 11.42
C GLN B 257 -16.58 16.55 10.34
N GLU B 258 -15.74 17.51 10.68
CA GLU B 258 -14.77 18.12 9.73
C GLU B 258 -13.94 16.99 9.14
N MET B 259 -13.42 16.11 9.97
CA MET B 259 -12.56 14.99 9.48
C MET B 259 -13.39 14.15 8.51
N ASN B 260 -14.64 13.89 8.85
CA ASN B 260 -15.52 13.04 8.00
C ASN B 260 -15.64 13.67 6.63
N ARG B 261 -16.06 14.92 6.60
CA ARG B 261 -16.36 15.65 5.37
C ARG B 261 -15.10 15.87 4.53
N LYS B 262 -13.99 16.19 5.16
CA LYS B 262 -12.80 16.52 4.39
C LYS B 262 -11.99 15.30 3.97
N ALA B 263 -12.06 14.20 4.73
CA ALA B 263 -11.26 13.03 4.38
C ALA B 263 -11.97 11.69 4.47
N PHE B 264 -12.45 11.30 5.64
CA PHE B 264 -12.94 9.91 5.84
C PHE B 264 -14.03 9.56 4.83
N SER B 265 -15.00 10.42 4.59
CA SER B 265 -16.11 10.12 3.70
C SER B 265 -15.70 9.87 2.24
N LYS B 266 -14.49 10.26 1.83
CA LYS B 266 -14.09 10.23 0.43
C LYS B 266 -13.29 8.99 0.05
N TYR B 267 -13.09 8.06 0.99
CA TYR B 267 -12.39 6.83 0.71
C TYR B 267 -13.17 5.69 1.33
N ASP B 268 -13.02 4.49 0.77
CA ASP B 268 -13.68 3.26 1.29
C ASP B 268 -12.84 2.80 2.48
N ILE B 269 -13.15 3.27 3.67
CA ILE B 269 -12.30 3.01 4.84
C ILE B 269 -13.13 2.76 6.10
N MET B 270 -12.48 2.26 7.15
CA MET B 270 -13.07 2.08 8.49
C MET B 270 -12.31 3.01 9.44
N THR B 271 -12.93 3.53 10.45
CA THR B 271 -12.32 4.38 11.49
C THR B 271 -12.74 3.82 12.84
N VAL B 272 -11.81 3.57 13.75
CA VAL B 272 -12.12 3.10 15.12
C VAL B 272 -11.47 4.08 16.11
N GLY B 273 -12.21 4.73 17.00
CA GLY B 273 -11.67 5.68 17.97
C GLY B 273 -11.45 5.02 19.32
N GLU B 274 -10.44 5.46 20.12
CA GLU B 274 -10.02 4.93 21.42
C GLU B 274 -10.69 5.77 22.50
N GLY B 275 -11.46 5.16 23.40
CA GLY B 275 -12.13 5.89 24.47
C GLY B 275 -13.55 6.19 24.10
N SER B 276 -14.48 6.07 25.02
CA SER B 276 -15.90 6.30 24.71
C SER B 276 -16.60 6.94 25.89
N PRO B 277 -17.67 7.75 25.68
CA PRO B 277 -18.50 8.24 26.76
C PRO B 277 -19.13 7.15 27.65
N PRO B 278 -19.60 7.45 28.86
CA PRO B 278 -20.16 6.42 29.71
C PRO B 278 -21.60 6.03 29.39
N SER B 279 -22.29 6.79 28.52
CA SER B 279 -23.71 6.59 28.15
C SER B 279 -23.87 6.19 26.69
N LEU B 280 -25.04 5.67 26.35
CA LEU B 280 -25.37 5.21 24.98
C LEU B 280 -25.64 6.45 24.14
N GLU B 281 -26.45 7.37 24.67
CA GLU B 281 -26.84 8.61 23.96
C GLU B 281 -25.60 9.34 23.45
N LYS B 282 -24.61 9.62 24.32
CA LYS B 282 -23.39 10.37 23.92
C LYS B 282 -22.51 9.51 23.03
N THR B 283 -22.40 8.20 23.27
CA THR B 283 -21.58 7.28 22.45
C THR B 283 -22.10 7.30 21.01
N LEU B 284 -23.42 7.31 20.84
CA LEU B 284 -24.06 7.32 19.52
C LEU B 284 -23.76 8.64 18.81
N GLU B 285 -23.50 9.74 19.50
CA GLU B 285 -23.08 10.99 18.82
C GLU B 285 -21.81 10.73 17.98
N TYR B 286 -20.91 9.87 18.44
CA TYR B 286 -19.68 9.52 17.70
C TYR B 286 -19.92 8.43 16.65
N VAL B 287 -20.68 7.39 17.00
CA VAL B 287 -20.78 6.16 16.15
C VAL B 287 -22.06 6.02 15.31
N SER B 288 -23.20 6.61 15.66
CA SER B 288 -24.46 6.50 14.87
C SER B 288 -24.16 6.79 13.40
N SER B 289 -24.62 5.97 12.45
CA SER B 289 -24.37 6.11 11.00
C SER B 289 -24.85 7.46 10.48
N SER B 290 -25.96 7.98 11.02
CA SER B 290 -26.56 9.27 10.65
C SER B 290 -25.82 10.48 11.25
N ARG B 291 -24.80 10.30 12.10
CA ARG B 291 -23.98 11.41 12.66
C ARG B 291 -22.82 11.73 11.73
N HIS B 292 -22.41 10.79 10.87
CA HIS B 292 -21.33 10.95 9.86
C HIS B 292 -20.02 11.35 10.51
N GLU B 293 -19.61 10.68 11.58
CA GLU B 293 -18.38 11.01 12.32
C GLU B 293 -17.44 9.79 12.23
N ILE B 294 -17.48 8.83 13.15
CA ILE B 294 -16.56 7.67 13.05
C ILE B 294 -17.37 6.37 13.14
N ASP B 295 -16.80 5.27 12.69
CA ASP B 295 -17.48 3.96 12.54
C ASP B 295 -17.69 3.24 13.88
N MET B 296 -16.69 3.18 14.76
CA MET B 296 -16.83 2.44 16.04
C MET B 296 -15.84 2.95 17.08
N LEU B 297 -16.08 2.62 18.35
CA LEU B 297 -15.26 3.05 19.49
C LEU B 297 -14.75 1.87 20.33
N PHE B 298 -13.58 2.02 20.92
CA PHE B 298 -13.03 1.06 21.90
C PHE B 298 -13.41 1.65 23.24
N SER B 299 -14.11 0.96 24.09
CA SER B 299 -14.44 1.50 25.44
C SER B 299 -13.43 0.91 26.41
N PHE B 300 -12.99 1.68 27.41
CA PHE B 300 -12.03 1.26 28.45
C PHE B 300 -12.73 0.54 29.59
N ASP B 301 -14.05 0.63 29.67
CA ASP B 301 -14.87 0.03 30.76
C ASP B 301 -14.47 -1.40 31.10
N PHE B 302 -14.28 -2.28 30.13
CA PHE B 302 -14.00 -3.72 30.38
C PHE B 302 -12.58 -3.93 30.87
N GLY B 303 -11.68 -3.11 30.34
CA GLY B 303 -10.25 -3.08 30.70
C GLY B 303 -10.02 -2.47 32.07
N ALA B 304 -10.97 -1.80 32.64
CA ALA B 304 -10.87 -1.17 33.95
C ALA B 304 -11.48 -2.00 35.08
N LEU B 305 -12.14 -3.13 34.75
CA LEU B 305 -12.86 -3.87 35.76
C LEU B 305 -11.98 -4.29 36.94
N ASP B 306 -10.67 -4.44 36.73
CA ASP B 306 -9.78 -4.96 37.78
C ASP B 306 -8.72 -3.96 38.27
N HIS B 307 -8.81 -2.68 37.90
CA HIS B 307 -7.84 -1.64 38.37
C HIS B 307 -8.34 -0.24 38.05
N ARG B 308 -8.01 0.73 38.90
CA ARG B 308 -8.33 2.17 38.69
C ARG B 308 -7.00 2.83 38.30
N GLU B 309 -6.89 3.39 37.11
CA GLU B 309 -5.62 3.95 36.56
C GLU B 309 -5.21 5.24 37.23
N ILE B 310 -6.15 6.10 37.59
CA ILE B 310 -5.83 7.42 38.18
C ILE B 310 -5.40 7.25 39.63
N ALA B 311 -5.72 6.12 40.27
CA ALA B 311 -5.36 5.82 41.67
C ALA B 311 -4.31 4.72 41.77
N HIS B 312 -3.91 4.11 40.66
CA HIS B 312 -2.95 3.00 40.63
C HIS B 312 -3.33 1.95 41.67
N THR B 313 -4.62 1.64 41.81
CA THR B 313 -5.15 0.65 42.78
C THR B 313 -5.69 -0.59 42.06
N LEU B 314 -5.31 -1.80 42.49
CA LEU B 314 -5.83 -3.07 41.94
C LEU B 314 -7.10 -3.40 42.69
N ASN B 315 -8.08 -4.02 42.03
CA ASN B 315 -9.32 -4.49 42.70
C ASN B 315 -9.75 -5.80 42.08
N ASP B 316 -10.54 -6.58 42.81
CA ASP B 316 -11.15 -7.78 42.25
C ASP B 316 -12.24 -7.39 41.26
N ILE B 317 -12.51 -8.27 40.30
CA ILE B 317 -13.52 -8.02 39.25
C ILE B 317 -14.90 -8.32 39.83
N ASP B 318 -15.86 -7.41 39.73
CA ASP B 318 -17.23 -7.61 40.25
C ASP B 318 -18.02 -8.27 39.11
N MET B 319 -18.24 -9.57 39.16
CA MET B 319 -18.93 -10.35 38.10
C MET B 319 -20.20 -9.66 37.63
N VAL B 320 -21.06 -9.19 38.50
CA VAL B 320 -22.31 -8.51 38.05
C VAL B 320 -21.94 -7.31 37.19
N GLU B 321 -21.02 -6.45 37.62
CA GLU B 321 -20.65 -5.22 36.87
C GLU B 321 -20.05 -5.63 35.53
N MET B 322 -19.24 -6.66 35.52
CA MET B 322 -18.64 -7.23 34.30
C MET B 322 -19.76 -7.51 33.28
N LYS B 323 -20.83 -8.18 33.70
CA LYS B 323 -21.98 -8.53 32.84
C LYS B 323 -22.63 -7.24 32.32
N GLU B 324 -22.96 -6.30 33.20
CA GLU B 324 -23.57 -5.03 32.80
C GLU B 324 -22.69 -4.30 31.79
N THR B 325 -21.38 -4.42 31.98
CA THR B 325 -20.37 -3.74 31.16
C THR B 325 -20.40 -4.31 29.75
N VAL B 326 -20.51 -5.62 29.62
CA VAL B 326 -20.57 -6.32 28.31
C VAL B 326 -21.85 -5.87 27.60
N TYR B 327 -22.97 -5.90 28.29
CA TYR B 327 -24.29 -5.53 27.75
C TYR B 327 -24.33 -4.06 27.31
N ARG B 328 -23.74 -3.18 28.12
CA ARG B 328 -23.72 -1.71 27.92
C ARG B 328 -23.43 -1.35 26.45
N TRP B 329 -22.38 -1.91 25.86
CA TRP B 329 -21.94 -1.57 24.49
C TRP B 329 -22.40 -2.59 23.45
N GLN B 330 -22.77 -3.81 23.85
CA GLN B 330 -23.30 -4.87 22.96
C GLN B 330 -24.71 -4.47 22.51
N ARG B 331 -25.42 -3.67 23.31
CA ARG B 331 -26.76 -3.09 23.04
C ARG B 331 -26.77 -2.12 21.86
N LEU B 332 -25.62 -1.59 21.44
CA LEU B 332 -25.44 -0.77 20.23
C LEU B 332 -25.74 -1.60 18.99
N VAL B 333 -25.47 -2.91 19.01
CA VAL B 333 -25.67 -3.81 17.85
C VAL B 333 -27.14 -4.26 17.77
N GLY B 334 -27.81 -4.12 16.63
CA GLY B 334 -29.20 -4.49 16.38
C GLY B 334 -30.20 -3.39 16.64
N LYS B 335 -30.14 -2.84 17.84
CA LYS B 335 -31.11 -1.84 18.36
C LYS B 335 -30.76 -0.40 17.98
N THR B 336 -29.66 -0.14 17.29
CA THR B 336 -29.25 1.22 16.85
C THR B 336 -28.63 1.13 15.46
N ASP B 337 -28.35 2.29 14.87
CA ASP B 337 -27.67 2.45 13.57
C ASP B 337 -26.16 2.67 13.78
N GLY B 338 -25.64 2.48 14.98
CA GLY B 338 -24.19 2.54 15.24
C GLY B 338 -23.56 1.16 15.14
N TRP B 339 -22.39 1.01 15.72
CA TRP B 339 -21.58 -0.22 15.77
C TRP B 339 -20.75 -0.20 17.06
N THR B 340 -20.07 -1.29 17.38
CA THR B 340 -19.25 -1.39 18.57
C THR B 340 -18.06 -2.30 18.27
N THR B 341 -17.22 -2.49 19.27
CA THR B 341 -16.02 -3.34 19.20
C THR B 341 -15.92 -4.19 20.45
N PHE B 342 -15.08 -5.19 20.40
CA PHE B 342 -14.77 -6.00 21.60
C PHE B 342 -13.32 -6.43 21.47
N PHE B 343 -12.56 -6.32 22.55
CA PHE B 343 -11.11 -6.63 22.61
C PHE B 343 -10.75 -6.92 24.05
N LEU B 344 -9.82 -7.81 24.30
CA LEU B 344 -9.30 -8.07 25.66
C LEU B 344 -7.86 -7.57 25.77
N GLU B 345 -7.14 -7.41 24.67
CA GLU B 345 -5.71 -7.05 24.66
C GLU B 345 -5.44 -5.93 23.65
N ASN B 346 -4.29 -5.28 23.81
CA ASN B 346 -3.70 -4.20 23.00
C ASN B 346 -2.35 -3.84 23.63
N HIS B 347 -1.62 -2.93 23.01
CA HIS B 347 -0.29 -2.47 23.46
C HIS B 347 -0.35 -1.67 24.77
N ASP B 348 -1.52 -1.24 25.26
CA ASP B 348 -1.62 -0.54 26.54
C ASP B 348 -2.27 -1.35 27.64
N SER B 349 -2.20 -2.65 27.57
CA SER B 349 -2.91 -3.49 28.56
C SER B 349 -2.04 -4.66 28.91
N GLY B 350 -2.34 -5.34 30.02
CA GLY B 350 -1.70 -6.61 30.39
C GLY B 350 -2.31 -7.77 29.60
N ARG B 351 -1.71 -8.96 29.65
CA ARG B 351 -2.13 -10.16 28.92
C ARG B 351 -3.44 -10.61 29.54
N SER B 352 -4.35 -11.11 28.73
CA SER B 352 -5.73 -11.42 29.12
C SER B 352 -5.81 -12.66 29.99
N ILE B 353 -5.05 -13.70 29.64
CA ILE B 353 -5.08 -14.96 30.41
C ILE B 353 -4.59 -14.66 31.82
N SER B 354 -3.72 -13.68 31.98
CA SER B 354 -3.14 -13.35 33.30
C SER B 354 -4.12 -12.52 34.12
N ARG B 355 -4.97 -11.72 33.48
CA ARG B 355 -5.92 -10.86 34.20
C ARG B 355 -7.33 -11.44 34.27
N PHE B 356 -7.73 -12.31 33.36
CA PHE B 356 -9.13 -12.73 33.31
C PHE B 356 -9.32 -14.24 33.48
N ALA B 357 -8.26 -15.02 33.66
CA ALA B 357 -8.31 -16.50 33.70
C ALA B 357 -7.11 -16.99 34.51
N SER B 358 -6.45 -18.13 34.25
CA SER B 358 -5.28 -18.58 35.03
C SER B 358 -4.10 -18.84 34.09
N ASP B 359 -2.87 -18.51 34.50
CA ASP B 359 -1.66 -18.72 33.67
C ASP B 359 -0.63 -19.57 34.40
N ALA B 360 -1.02 -20.32 35.42
CA ALA B 360 -0.12 -21.07 36.32
C ALA B 360 0.57 -22.23 35.61
N THR B 361 -0.15 -23.01 34.82
CA THR B 361 0.40 -24.25 34.19
C THR B 361 0.18 -24.25 32.68
N PRO B 362 0.85 -25.10 31.88
CA PRO B 362 0.59 -25.19 30.45
C PRO B 362 -0.89 -25.48 30.15
N GLU B 363 -1.50 -26.37 30.92
CA GLU B 363 -2.91 -26.76 30.75
C GLU B 363 -3.80 -25.57 31.07
N ALA B 364 -3.52 -24.84 32.14
CA ALA B 364 -4.31 -23.66 32.57
C ALA B 364 -4.24 -22.57 31.51
N ARG B 365 -3.07 -22.34 30.93
CA ARG B 365 -2.86 -21.32 29.88
C ARG B 365 -3.68 -21.72 28.65
N ASN B 366 -3.57 -22.98 28.24
CA ASN B 366 -4.28 -23.54 27.07
C ASN B 366 -5.78 -23.40 27.30
N ARG B 367 -6.26 -23.77 28.48
CA ARG B 367 -7.69 -23.72 28.87
C ARG B 367 -8.16 -22.26 28.88
N SER B 368 -7.31 -21.34 29.32
CA SER B 368 -7.64 -19.90 29.45
C SER B 368 -7.80 -19.22 28.10
N THR B 369 -6.89 -19.48 27.17
CA THR B 369 -6.90 -18.92 25.80
C THR B 369 -8.22 -19.31 25.11
N LYS B 370 -8.58 -20.59 25.17
CA LYS B 370 -9.79 -21.12 24.53
C LYS B 370 -11.02 -20.47 25.16
N PHE B 371 -11.05 -20.41 26.48
CA PHE B 371 -12.16 -19.84 27.27
C PHE B 371 -12.42 -18.40 26.83
N LEU B 372 -11.38 -17.57 26.80
CA LEU B 372 -11.49 -16.14 26.42
C LEU B 372 -11.75 -16.03 24.92
N ALA B 373 -11.24 -16.96 24.12
CA ALA B 373 -11.49 -16.95 22.67
C ALA B 373 -12.99 -17.10 22.42
N VAL B 374 -13.65 -17.94 23.18
CA VAL B 374 -15.13 -18.14 23.11
C VAL B 374 -15.76 -16.84 23.58
N LEU B 375 -15.26 -16.19 24.60
CA LEU B 375 -15.84 -14.91 25.05
C LEU B 375 -15.85 -13.91 23.90
N GLN B 376 -14.71 -13.73 23.26
CA GLN B 376 -14.53 -12.71 22.20
C GLN B 376 -15.30 -13.08 20.93
N ALA B 377 -15.15 -14.30 20.43
CA ALA B 377 -15.80 -14.77 19.18
C ALA B 377 -17.32 -14.68 19.25
N THR B 378 -17.95 -14.72 20.42
CA THR B 378 -19.42 -14.64 20.55
C THR B 378 -19.87 -13.20 20.79
N MET B 379 -18.96 -12.23 20.86
CA MET B 379 -19.37 -10.84 21.09
C MET B 379 -19.65 -10.21 19.73
N SER B 380 -20.75 -9.49 19.58
CA SER B 380 -21.16 -8.76 18.36
C SER B 380 -20.22 -7.58 18.12
N GLY B 381 -20.18 -7.03 16.94
CA GLY B 381 -19.27 -5.91 16.68
C GLY B 381 -18.02 -6.39 16.00
N THR B 382 -17.04 -5.50 15.81
CA THR B 382 -15.76 -5.83 15.17
C THR B 382 -14.89 -6.45 16.25
N LEU B 383 -14.18 -7.52 15.94
CA LEU B 383 -13.35 -8.29 16.88
C LEU B 383 -11.89 -7.91 16.65
N TYR B 384 -11.14 -7.65 17.71
CA TYR B 384 -9.73 -7.22 17.65
C TYR B 384 -8.84 -8.18 18.46
N LEU B 385 -7.88 -8.80 17.83
CA LEU B 385 -6.85 -9.64 18.44
C LEU B 385 -5.57 -8.82 18.56
N TYR B 386 -4.81 -8.98 19.64
CA TYR B 386 -3.50 -8.33 19.82
C TYR B 386 -2.45 -9.41 19.54
N GLN B 387 -1.35 -9.05 18.91
CA GLN B 387 -0.26 -9.98 18.59
C GLN B 387 0.10 -10.79 19.86
N GLY B 388 0.08 -12.12 19.81
CA GLY B 388 0.43 -12.98 20.95
C GLY B 388 -0.77 -13.52 21.67
N GLN B 389 -1.95 -12.91 21.57
CA GLN B 389 -3.18 -13.36 22.24
C GLN B 389 -3.56 -14.76 21.74
N GLU B 390 -3.36 -15.02 20.46
CA GLU B 390 -3.73 -16.28 19.79
C GLU B 390 -2.86 -17.43 20.33
N ILE B 391 -1.66 -17.18 20.86
CA ILE B 391 -0.83 -18.29 21.41
C ILE B 391 -0.86 -18.29 22.94
N GLY B 392 -1.47 -17.32 23.59
CA GLY B 392 -1.57 -17.32 25.06
C GLY B 392 -0.34 -16.79 25.77
N ILE B 393 0.30 -15.75 25.27
CA ILE B 393 1.44 -15.09 25.96
C ILE B 393 0.89 -14.53 27.27
N PRO B 394 1.44 -14.88 28.46
CA PRO B 394 0.94 -14.34 29.71
C PRO B 394 1.72 -13.08 30.11
N ASN B 395 1.43 -12.53 31.29
CA ASN B 395 2.12 -11.34 31.83
C ASN B 395 3.54 -11.72 32.22
N LEU B 396 4.49 -10.79 32.13
CA LEU B 396 5.90 -10.95 32.60
C LEU B 396 5.77 -11.47 34.01
N PRO B 397 6.35 -12.73 34.66
CA PRO B 397 6.15 -13.12 36.04
C PRO B 397 6.83 -12.19 37.07
N ASP B 398 6.56 -12.41 38.36
CA ASP B 398 7.09 -11.61 39.50
C ASP B 398 8.63 -11.64 39.52
N GLU B 399 9.22 -12.77 39.12
CA GLU B 399 10.67 -13.00 38.97
C GLU B 399 11.33 -11.86 38.17
N VAL B 400 10.93 -11.61 36.91
CA VAL B 400 11.58 -10.56 36.06
C VAL B 400 11.40 -9.28 36.85
N PRO B 401 12.56 -8.34 37.17
CA PRO B 401 12.57 -7.15 37.99
C PRO B 401 11.97 -5.91 37.33
N ILE B 402 11.73 -4.89 38.14
CA ILE B 402 11.10 -3.60 37.75
C ILE B 402 11.94 -2.83 36.72
N GLU B 403 13.23 -3.07 36.60
CA GLU B 403 14.11 -2.37 35.63
C GLU B 403 13.78 -2.78 34.19
N GLU B 404 13.24 -3.98 33.99
CA GLU B 404 12.92 -4.55 32.66
C GLU B 404 11.69 -3.85 32.05
N TYR B 405 10.87 -3.21 32.87
CA TYR B 405 9.70 -2.44 32.42
C TYR B 405 10.19 -1.11 31.85
N LYS B 406 10.52 -1.04 30.57
CA LYS B 406 11.09 0.16 29.90
C LYS B 406 10.02 1.18 29.52
N ASP B 407 8.74 0.90 29.72
CA ASP B 407 7.65 1.84 29.39
C ASP B 407 7.73 3.10 30.27
N VAL B 408 7.64 4.30 29.68
CA VAL B 408 7.70 5.59 30.42
C VAL B 408 6.60 5.61 31.48
N ASN B 409 5.39 5.18 31.18
CA ASN B 409 4.27 5.17 32.16
C ASN B 409 4.67 4.38 33.41
N SER B 410 5.35 3.25 33.25
CA SER B 410 5.77 2.39 34.36
C SER B 410 6.83 3.12 35.20
N ILE B 411 7.98 3.42 34.60
CA ILE B 411 9.12 4.11 35.25
C ILE B 411 8.63 5.35 35.99
N ASN B 412 7.88 6.20 35.31
CA ASN B 412 7.32 7.43 35.91
C ASN B 412 6.55 7.10 37.18
N TYR B 413 5.69 6.09 37.15
CA TYR B 413 4.84 5.73 38.30
C TYR B 413 5.67 5.20 39.46
N TYR B 414 6.56 4.26 39.18
CA TYR B 414 7.42 3.66 40.21
C TYR B 414 8.22 4.79 40.86
N ASN B 415 8.96 5.55 40.07
CA ASN B 415 9.84 6.66 40.53
C ASN B 415 9.03 7.56 41.43
N ALA B 416 7.84 7.96 41.01
CA ALA B 416 6.98 8.88 41.77
C ALA B 416 6.73 8.29 43.17
N VAL B 417 6.47 6.99 43.31
CA VAL B 417 6.19 6.41 44.65
C VAL B 417 7.51 6.18 45.39
N LYS B 418 8.64 6.12 44.70
CA LYS B 418 9.96 6.01 45.36
C LYS B 418 10.28 7.35 46.02
N GLU B 419 10.12 8.44 45.28
CA GLU B 419 10.42 9.82 45.72
C GLU B 419 9.41 10.27 46.77
N ASP B 420 8.12 10.04 46.54
CA ASP B 420 7.02 10.50 47.45
C ASP B 420 6.89 9.59 48.67
N THR B 421 7.59 8.45 48.75
CA THR B 421 7.54 7.57 49.95
C THR B 421 8.94 7.31 50.48
N LYS B 422 9.96 8.07 50.07
CA LYS B 422 11.34 7.94 50.57
C LYS B 422 11.83 6.49 50.54
N ASN B 423 11.66 5.80 49.41
CA ASN B 423 12.08 4.40 49.14
C ASN B 423 11.40 3.40 50.09
N ASP B 424 10.21 3.70 50.56
CA ASP B 424 9.46 2.77 51.44
C ASP B 424 9.30 1.46 50.68
N PRO B 425 9.92 0.33 51.07
CA PRO B 425 9.87 -0.88 50.27
C PRO B 425 8.51 -1.59 50.25
N ASP B 426 7.70 -1.40 51.27
CA ASP B 426 6.34 -1.99 51.33
C ASP B 426 5.47 -1.20 50.36
N ALA B 427 5.85 0.04 50.03
CA ALA B 427 5.15 0.87 49.04
C ALA B 427 5.61 0.41 47.66
N LEU B 428 6.87 0.00 47.57
CA LEU B 428 7.52 -0.51 46.34
C LEU B 428 7.04 -1.93 46.07
N LYS B 429 6.56 -2.64 47.09
CA LYS B 429 6.07 -4.02 46.91
C LYS B 429 4.69 -3.91 46.26
N LYS B 430 3.84 -3.08 46.84
CA LYS B 430 2.48 -2.82 46.36
C LYS B 430 2.52 -2.29 44.92
N ALA B 431 3.27 -1.22 44.70
CA ALA B 431 3.42 -0.54 43.39
C ALA B 431 3.93 -1.53 42.33
N LYS B 432 4.84 -2.43 42.67
CA LYS B 432 5.35 -3.44 41.70
C LYS B 432 4.22 -4.42 41.39
N LYS B 433 3.49 -4.84 42.41
CA LYS B 433 2.37 -5.80 42.26
C LYS B 433 1.41 -5.24 41.22
N TYR B 434 1.01 -3.98 41.36
CA TYR B 434 0.10 -3.27 40.44
C TYR B 434 0.63 -3.41 39.02
N LEU B 435 1.89 -3.10 38.81
CA LEU B 435 2.53 -3.14 37.48
C LEU B 435 2.63 -4.58 36.97
N GLN B 436 2.77 -5.56 37.86
CA GLN B 436 2.87 -6.98 37.46
C GLN B 436 1.56 -7.54 36.92
N LYS B 437 0.41 -6.90 37.18
CA LYS B 437 -0.88 -7.36 36.64
C LYS B 437 -1.38 -6.46 35.50
N VAL B 438 -1.22 -5.13 35.54
CA VAL B 438 -1.86 -4.25 34.54
C VAL B 438 -0.93 -3.26 33.83
N ALA B 439 0.39 -3.42 33.82
CA ALA B 439 1.28 -2.47 33.11
C ALA B 439 1.20 -2.74 31.61
N ARG B 440 1.60 -1.78 30.80
CA ARG B 440 1.60 -1.87 29.33
C ARG B 440 2.76 -2.75 28.84
N ASP B 441 3.78 -2.97 29.66
CA ASP B 441 5.03 -3.69 29.31
C ASP B 441 4.80 -5.14 28.95
N HIS B 442 3.77 -5.77 29.47
CA HIS B 442 3.50 -7.20 29.20
C HIS B 442 3.10 -7.43 27.73
N ALA B 443 2.51 -6.43 27.11
CA ALA B 443 2.07 -6.43 25.70
C ALA B 443 3.24 -6.12 24.77
N ARG B 444 4.32 -5.51 25.27
CA ARG B 444 5.50 -5.06 24.48
C ARG B 444 6.61 -6.09 24.51
N SER B 445 6.53 -7.09 25.38
CA SER B 445 7.49 -8.22 25.39
C SER B 445 7.48 -8.83 23.98
N PRO B 446 8.61 -8.99 23.27
CA PRO B 446 8.64 -9.56 21.93
C PRO B 446 7.78 -10.80 21.64
N MET B 447 7.23 -10.90 20.42
CA MET B 447 6.38 -12.00 19.93
C MET B 447 7.18 -13.29 20.00
N GLN B 448 6.55 -14.38 20.43
CA GLN B 448 7.24 -15.67 20.63
C GLN B 448 6.98 -16.58 19.42
N TRP B 449 7.96 -16.77 18.54
CA TRP B 449 7.81 -17.55 17.29
C TRP B 449 8.20 -19.03 17.44
N ASP B 450 9.25 -19.35 18.19
CA ASP B 450 9.74 -20.73 18.36
C ASP B 450 10.51 -20.84 19.69
N ALA B 451 11.25 -21.92 19.92
CA ALA B 451 12.03 -22.18 21.16
C ALA B 451 13.50 -21.82 21.01
N SER B 452 13.90 -21.03 20.01
CA SER B 452 15.27 -20.53 19.76
C SER B 452 15.62 -19.39 20.72
N LYS B 453 16.87 -18.93 20.64
CA LYS B 453 17.37 -17.74 21.36
C LYS B 453 16.36 -16.61 21.16
N HIS B 454 15.76 -16.07 22.22
CA HIS B 454 14.80 -14.94 22.19
C HIS B 454 13.56 -15.31 21.38
N SER B 455 13.15 -16.57 21.46
CA SER B 455 11.96 -17.15 20.82
C SER B 455 11.91 -16.91 19.32
N GLY B 456 13.05 -16.83 18.64
CA GLY B 456 13.14 -16.57 17.19
C GLY B 456 12.71 -15.17 16.79
N PHE B 457 12.61 -14.22 17.72
CA PHE B 457 12.17 -12.84 17.44
C PHE B 457 13.33 -12.05 16.84
N THR B 458 14.55 -12.32 17.28
CA THR B 458 15.75 -11.60 16.81
C THR B 458 16.98 -12.48 16.97
N ASP B 459 18.04 -12.15 16.25
CA ASP B 459 19.35 -12.84 16.33
C ASP B 459 20.25 -12.12 17.35
N GLY B 460 20.03 -10.84 17.59
CA GLY B 460 20.80 -9.98 18.50
C GLY B 460 20.15 -9.87 19.85
N GLU B 461 20.33 -8.75 20.54
CA GLU B 461 19.77 -8.52 21.89
C GLU B 461 18.43 -7.83 21.75
N PRO B 462 17.30 -8.37 22.25
CA PRO B 462 16.04 -7.67 22.09
C PRO B 462 16.03 -6.36 22.86
N TRP B 463 15.28 -5.36 22.39
CA TRP B 463 15.14 -4.01 22.99
C TRP B 463 14.42 -4.10 24.33
N MET B 464 13.58 -5.11 24.52
CA MET B 464 12.86 -5.38 25.76
C MET B 464 12.94 -6.88 26.02
N ILE B 465 12.90 -7.27 27.28
CA ILE B 465 13.05 -8.68 27.72
C ILE B 465 11.95 -9.55 27.09
N VAL B 466 12.30 -10.69 26.51
CA VAL B 466 11.30 -11.67 25.98
C VAL B 466 10.70 -12.36 27.20
N ASN B 467 9.39 -12.59 27.26
CA ASN B 467 8.75 -13.28 28.40
C ASN B 467 9.51 -14.60 28.60
N PRO B 468 10.01 -14.94 29.81
CA PRO B 468 10.80 -16.14 30.00
C PRO B 468 10.05 -17.47 29.82
N ILE B 469 8.71 -17.49 29.78
CA ILE B 469 7.89 -18.70 29.51
C ILE B 469 7.94 -19.12 28.03
N TYR B 470 8.52 -18.34 27.12
CA TYR B 470 8.66 -18.64 25.68
C TYR B 470 9.01 -20.11 25.37
N PRO B 471 9.87 -20.92 26.03
CA PRO B 471 10.07 -22.30 25.57
C PRO B 471 8.80 -23.17 25.53
N GLU B 472 7.82 -22.92 26.40
CA GLU B 472 6.52 -23.61 26.42
C GLU B 472 5.51 -22.89 25.52
N VAL B 473 5.56 -21.56 25.44
CA VAL B 473 4.57 -20.75 24.68
C VAL B 473 5.20 -20.13 23.44
N ASN B 474 4.98 -20.71 22.25
CA ASN B 474 5.50 -20.14 20.98
C ASN B 474 4.68 -20.69 19.81
N VAL B 475 4.71 -19.99 18.67
CA VAL B 475 3.96 -20.32 17.45
C VAL B 475 4.36 -21.70 16.95
N ALA B 476 5.65 -21.98 16.80
CA ALA B 476 6.09 -23.25 16.22
C ALA B 476 5.49 -24.43 16.99
N ALA B 477 5.44 -24.35 18.31
CA ALA B 477 4.94 -25.43 19.18
C ALA B 477 3.44 -25.61 19.03
N GLN B 478 2.70 -24.60 18.59
CA GLN B 478 1.24 -24.64 18.50
C GLN B 478 0.71 -24.83 17.06
N GLU B 479 1.51 -24.60 16.02
CA GLU B 479 1.01 -24.61 14.65
C GLU B 479 0.34 -25.93 14.28
N TRP B 480 0.96 -27.03 14.66
CA TRP B 480 0.53 -28.33 14.21
C TRP B 480 -0.22 -29.11 15.27
N ASP B 481 -0.38 -28.53 16.46
CA ASP B 481 -1.11 -29.16 17.54
C ASP B 481 -2.59 -28.79 17.39
N ALA B 482 -3.47 -29.73 17.07
CA ALA B 482 -4.90 -29.45 16.88
C ALA B 482 -5.53 -28.98 18.18
N ASP B 483 -4.95 -29.32 19.32
CA ASP B 483 -5.44 -28.90 20.65
C ASP B 483 -4.87 -27.54 21.10
N SER B 484 -3.95 -26.90 20.37
CA SER B 484 -3.34 -25.61 20.79
C SER B 484 -4.32 -24.46 20.76
N GLY B 485 -4.08 -23.40 21.53
CA GLY B 485 -4.91 -22.19 21.57
C GLY B 485 -4.93 -21.52 20.21
N LEU B 486 -3.81 -21.59 19.50
CA LEU B 486 -3.68 -21.01 18.14
C LEU B 486 -4.73 -21.67 17.25
N ASN B 487 -4.77 -23.00 17.24
CA ASN B 487 -5.70 -23.76 16.37
C ASN B 487 -7.12 -23.55 16.88
N PHE B 488 -7.32 -23.33 18.16
CA PHE B 488 -8.68 -23.09 18.69
C PHE B 488 -9.18 -21.76 18.16
N TRP B 489 -8.31 -20.76 18.07
CA TRP B 489 -8.66 -19.41 17.57
C TRP B 489 -9.07 -19.50 16.10
N ARG B 490 -8.26 -20.13 15.28
CA ARG B 490 -8.56 -20.32 13.84
C ARG B 490 -9.92 -21.00 13.71
N HIS B 491 -10.11 -22.09 14.45
CA HIS B 491 -11.37 -22.86 14.46
C HIS B 491 -12.53 -21.93 14.79
N ILE B 492 -12.47 -21.23 15.90
CA ILE B 492 -13.62 -20.40 16.34
C ILE B 492 -13.82 -19.18 15.43
N LEU B 493 -12.81 -18.68 14.75
CA LEU B 493 -13.01 -17.55 13.82
C LEU B 493 -13.76 -18.10 12.60
N LYS B 494 -13.46 -19.33 12.19
CA LYS B 494 -14.16 -20.04 11.10
C LYS B 494 -15.62 -20.19 11.54
N PHE B 495 -15.84 -20.55 12.81
CA PHE B 495 -17.19 -20.71 13.35
C PHE B 495 -17.90 -19.36 13.34
N ARG B 496 -17.21 -18.29 13.74
CA ARG B 496 -17.74 -16.92 13.77
C ARG B 496 -18.23 -16.53 12.37
N ARG B 497 -17.39 -16.72 11.37
CA ARG B 497 -17.67 -16.38 9.96
C ARG B 497 -18.92 -17.13 9.46
N GLN B 498 -19.04 -18.43 9.72
CA GLN B 498 -20.20 -19.23 9.26
C GLN B 498 -21.49 -18.79 9.95
N HIS B 499 -21.39 -18.27 11.15
CA HIS B 499 -22.54 -17.86 11.96
C HIS B 499 -22.54 -16.35 12.23
N LYS B 500 -22.12 -15.55 11.24
CA LYS B 500 -22.03 -14.06 11.29
C LYS B 500 -23.32 -13.45 11.85
N ASP B 501 -24.45 -13.92 11.38
CA ASP B 501 -25.81 -13.45 11.77
C ASP B 501 -26.03 -13.53 13.29
N VAL B 502 -25.45 -14.49 13.99
CA VAL B 502 -25.60 -14.68 15.45
C VAL B 502 -24.43 -14.06 16.22
N MET B 503 -23.21 -14.38 15.81
CA MET B 503 -21.95 -13.99 16.47
C MET B 503 -21.59 -12.52 16.23
N VAL B 504 -21.65 -12.08 14.98
CA VAL B 504 -21.23 -10.71 14.57
C VAL B 504 -22.36 -9.71 14.67
N TYR B 505 -23.53 -10.01 14.13
CA TYR B 505 -24.63 -9.04 14.07
C TYR B 505 -25.73 -9.30 15.07
N GLY B 506 -25.62 -10.31 15.96
CA GLY B 506 -26.63 -10.73 16.94
C GLY B 506 -26.88 -9.73 18.04
N THR B 507 -28.06 -9.70 18.72
CA THR B 507 -28.36 -8.82 19.84
C THR B 507 -28.04 -9.62 21.09
N LEU B 508 -27.49 -9.00 22.11
CA LEU B 508 -27.09 -9.72 23.34
C LEU B 508 -28.13 -9.42 24.40
N GLU B 509 -28.48 -10.40 25.22
CA GLU B 509 -29.41 -10.27 26.35
C GLU B 509 -28.75 -11.08 27.46
N VAL B 510 -28.71 -10.58 28.68
CA VAL B 510 -28.00 -11.27 29.78
C VAL B 510 -29.01 -12.13 30.53
N LEU B 511 -28.64 -13.32 30.97
CA LEU B 511 -29.54 -14.18 31.78
C LEU B 511 -28.86 -14.49 33.10
N ASP B 512 -29.64 -14.89 34.10
CA ASP B 512 -29.15 -15.30 35.44
C ASP B 512 -28.14 -14.26 35.92
N LYS B 513 -28.54 -13.00 35.94
CA LYS B 513 -27.72 -11.78 36.23
C LYS B 513 -26.94 -11.90 37.54
N GLU B 514 -27.49 -12.54 38.56
CA GLU B 514 -26.87 -12.68 39.91
C GLU B 514 -25.85 -13.80 39.98
N ASN B 515 -25.81 -14.73 39.02
CA ASN B 515 -24.82 -15.84 39.11
C ASN B 515 -23.43 -15.19 39.18
N THR B 516 -22.67 -15.40 40.25
CA THR B 516 -21.33 -14.79 40.43
C THR B 516 -20.24 -15.75 39.96
N LYS B 517 -20.57 -17.01 39.68
CA LYS B 517 -19.58 -18.00 39.22
C LYS B 517 -19.68 -18.20 37.70
N VAL B 518 -20.84 -17.98 37.08
CA VAL B 518 -21.06 -18.26 35.63
C VAL B 518 -21.74 -17.07 34.97
N PHE B 519 -21.36 -16.73 33.73
CA PHE B 519 -21.96 -15.66 32.91
C PHE B 519 -22.77 -16.35 31.80
N THR B 520 -24.05 -16.07 31.67
CA THR B 520 -24.90 -16.61 30.61
C THR B 520 -25.51 -15.46 29.82
N PHE B 521 -25.42 -15.48 28.50
CA PHE B 521 -26.03 -14.47 27.60
C PHE B 521 -26.50 -15.19 26.36
N THR B 522 -27.52 -14.66 25.70
CA THR B 522 -28.02 -15.24 24.44
C THR B 522 -27.62 -14.32 23.28
N LYS B 523 -27.30 -14.88 22.13
CA LYS B 523 -27.03 -14.12 20.89
C LYS B 523 -28.20 -14.45 19.95
N ALA B 524 -28.95 -13.46 19.48
CA ALA B 524 -30.11 -13.69 18.63
C ALA B 524 -29.95 -12.97 17.29
N SER B 525 -30.21 -13.70 16.21
CA SER B 525 -30.19 -13.22 14.84
C SER B 525 -31.53 -12.57 14.49
N GLU B 526 -31.59 -11.96 13.31
CA GLU B 526 -32.87 -11.57 12.73
C GLU B 526 -33.54 -12.74 12.02
N SER B 527 -32.79 -13.81 11.78
CA SER B 527 -33.35 -15.06 11.31
C SER B 527 -34.25 -15.73 12.34
N GLY B 528 -34.10 -15.39 13.62
CA GLY B 528 -34.74 -16.13 14.69
C GLY B 528 -33.72 -16.98 15.44
N ARG B 529 -32.74 -17.51 14.71
CA ARG B 529 -31.72 -18.36 15.30
C ARG B 529 -31.09 -17.68 16.51
N THR B 530 -30.89 -18.43 17.59
CA THR B 530 -30.47 -17.90 18.89
C THR B 530 -29.48 -18.84 19.54
N PHE B 531 -28.28 -18.40 19.89
CA PHE B 531 -27.31 -19.22 20.61
C PHE B 531 -27.32 -18.83 22.07
N LEU B 532 -27.03 -19.77 22.97
CA LEU B 532 -26.77 -19.46 24.36
C LEU B 532 -25.30 -19.75 24.66
N VAL B 533 -24.67 -18.84 25.36
CA VAL B 533 -23.24 -18.97 25.66
C VAL B 533 -23.15 -18.97 27.18
N ALA B 534 -22.48 -19.94 27.78
CA ALA B 534 -22.25 -19.99 29.21
C ALA B 534 -20.76 -20.06 29.48
N LEU B 535 -20.27 -19.19 30.35
CA LEU B 535 -18.85 -19.14 30.69
C LEU B 535 -18.71 -19.26 32.21
N ASN B 536 -18.05 -20.32 32.69
CA ASN B 536 -17.71 -20.49 34.11
C ASN B 536 -16.33 -19.87 34.29
N PHE B 537 -16.22 -18.71 34.94
CA PHE B 537 -14.94 -18.00 35.19
C PHE B 537 -14.19 -18.56 36.40
N THR B 538 -14.74 -19.52 37.15
CA THR B 538 -14.11 -19.97 38.39
C THR B 538 -13.06 -21.04 38.13
N ASP B 539 -12.38 -21.51 39.18
CA ASP B 539 -11.38 -22.60 39.10
C ASP B 539 -11.96 -23.91 39.64
N LYS B 540 -13.27 -23.99 39.95
CA LYS B 540 -13.92 -25.22 40.41
C LYS B 540 -15.07 -25.57 39.48
N ALA B 541 -15.41 -26.86 39.40
CA ALA B 541 -16.54 -27.36 38.59
C ALA B 541 -17.81 -26.81 39.24
N VAL B 542 -18.80 -26.43 38.44
CA VAL B 542 -20.04 -25.79 38.96
C VAL B 542 -21.25 -26.45 38.32
N ASP B 543 -22.33 -26.67 39.05
CA ASP B 543 -23.55 -27.23 38.47
C ASP B 543 -24.22 -26.16 37.62
N TYR B 544 -24.77 -26.58 36.47
CA TYR B 544 -25.39 -25.65 35.52
C TYR B 544 -26.35 -26.45 34.65
N ASP B 545 -27.63 -26.16 34.75
CA ASP B 545 -28.65 -26.79 33.92
C ASP B 545 -29.05 -25.77 32.86
N VAL B 546 -28.73 -26.06 31.60
CA VAL B 546 -29.16 -25.14 30.56
C VAL B 546 -30.66 -25.27 30.31
N ASP B 547 -31.25 -26.46 30.54
CA ASP B 547 -32.71 -26.61 30.48
C ASP B 547 -33.42 -25.53 31.29
N GLN B 548 -32.80 -24.98 32.32
CA GLN B 548 -33.36 -23.87 33.12
C GLN B 548 -33.62 -22.60 32.30
N PHE B 549 -32.90 -22.36 31.20
CA PHE B 549 -33.01 -21.16 30.34
C PHE B 549 -33.41 -21.46 28.90
N ALA B 550 -33.59 -22.71 28.52
CA ALA B 550 -33.93 -23.06 27.13
C ALA B 550 -34.83 -24.30 27.10
N SER B 551 -35.94 -24.27 26.36
CA SER B 551 -36.87 -25.42 26.21
C SER B 551 -36.09 -26.58 25.60
N LYS B 552 -35.55 -26.40 24.40
CA LYS B 552 -34.78 -27.40 23.65
C LYS B 552 -33.36 -26.85 23.51
N SER B 553 -32.34 -27.67 23.60
CA SER B 553 -30.95 -27.19 23.50
C SER B 553 -30.06 -28.26 22.87
N THR B 554 -29.05 -27.86 22.11
CA THR B 554 -28.10 -28.73 21.45
C THR B 554 -26.71 -28.13 21.60
N LEU B 555 -25.72 -28.92 22.11
CA LEU B 555 -24.30 -28.56 22.30
C LEU B 555 -23.64 -28.35 20.96
N LEU B 556 -23.21 -27.12 20.67
CA LEU B 556 -22.50 -26.86 19.41
C LEU B 556 -21.00 -26.97 19.66
N LEU B 557 -20.49 -26.30 20.68
CA LEU B 557 -19.03 -26.22 20.90
C LEU B 557 -18.71 -25.93 22.37
N SER B 558 -17.70 -26.57 22.94
CA SER B 558 -17.23 -26.34 24.33
C SER B 558 -15.73 -26.06 24.22
N SER B 559 -15.20 -25.18 25.06
CA SER B 559 -13.77 -24.78 25.03
C SER B 559 -12.87 -25.90 25.52
N ILE B 560 -13.38 -26.84 26.32
CA ILE B 560 -12.59 -27.97 26.86
C ILE B 560 -12.73 -29.22 26.00
N GLY B 561 -13.51 -29.19 24.92
CA GLY B 561 -13.73 -30.34 24.05
C GLY B 561 -15.11 -30.90 24.31
N ASN B 562 -15.88 -31.22 23.29
CA ASN B 562 -17.27 -31.65 23.46
C ASN B 562 -17.33 -32.99 24.22
N VAL B 563 -16.34 -33.87 24.14
CA VAL B 563 -16.46 -35.16 24.83
C VAL B 563 -16.26 -34.98 26.34
N HIS B 564 -15.53 -33.95 26.74
CA HIS B 564 -15.17 -33.69 28.15
C HIS B 564 -16.29 -32.92 28.81
N HIS B 565 -17.13 -32.25 28.03
CA HIS B 565 -18.27 -31.50 28.58
C HIS B 565 -19.14 -32.49 29.32
N LYS B 566 -19.56 -32.21 30.54
CA LYS B 566 -20.42 -33.15 31.26
C LYS B 566 -21.79 -32.48 31.47
N SER B 567 -22.89 -33.02 30.93
CA SER B 567 -24.26 -32.58 31.12
C SER B 567 -24.51 -32.21 32.58
N GLY B 568 -25.11 -31.06 32.79
CA GLY B 568 -25.45 -30.65 34.13
C GLY B 568 -24.41 -29.85 34.86
N SER B 569 -23.23 -29.64 34.30
CA SER B 569 -22.18 -28.86 34.98
C SER B 569 -21.26 -28.20 33.97
N LEU B 570 -20.43 -27.29 34.45
CA LEU B 570 -19.38 -26.61 33.67
C LEU B 570 -18.07 -26.87 34.41
N GLN B 571 -17.01 -27.28 33.73
CA GLN B 571 -15.69 -27.57 34.33
C GLN B 571 -14.93 -26.24 34.55
N PRO B 572 -13.81 -26.20 35.32
CA PRO B 572 -13.10 -24.95 35.53
C PRO B 572 -12.75 -24.25 34.20
N LEU B 573 -13.09 -22.97 34.05
CA LEU B 573 -12.83 -22.14 32.83
C LEU B 573 -13.38 -22.83 31.58
N GLU B 574 -14.61 -23.34 31.66
CA GLU B 574 -15.26 -23.97 30.49
C GLU B 574 -16.19 -22.93 29.89
N ALA B 575 -16.20 -22.78 28.58
CA ALA B 575 -17.07 -21.85 27.85
C ALA B 575 -17.84 -22.73 26.88
N VAL B 576 -19.15 -22.64 26.83
CA VAL B 576 -19.92 -23.52 25.91
C VAL B 576 -20.92 -22.67 25.13
N ILE B 577 -21.18 -23.07 23.90
CA ILE B 577 -22.15 -22.42 22.99
C ILE B 577 -23.21 -23.46 22.63
N PHE B 578 -24.46 -23.28 23.06
CA PHE B 578 -25.55 -24.10 22.56
C PHE B 578 -26.41 -23.32 21.56
N GLU B 579 -27.13 -24.07 20.72
CA GLU B 579 -28.18 -23.55 19.82
C GLU B 579 -29.46 -23.85 20.60
N ILE B 580 -30.33 -22.87 20.85
CA ILE B 580 -31.49 -23.04 21.76
C ILE B 580 -32.80 -22.58 21.11
N HIS B 581 -33.91 -22.86 21.81
CA HIS B 581 -35.31 -22.46 21.54
C HIS B 581 -35.89 -22.04 22.90
N HIS B 582 -35.62 -20.81 23.33
CA HIS B 582 -36.00 -20.24 24.65
C HIS B 582 -37.42 -20.62 25.03
C1 GLC C . 7.12 9.32 -21.96
C2 GLC C . 7.93 8.35 -22.80
C3 GLC C . 9.35 8.32 -22.41
C4 GLC C . 9.82 9.75 -22.34
C5 GLC C . 9.17 10.45 -21.21
C6 GLC C . 9.19 11.94 -21.39
O1 GLC C . 6.06 8.67 -21.29
O2 GLC C . 7.44 7.03 -22.82
O3 GLC C . 10.00 7.64 -23.43
O4 GLC C . 11.20 9.76 -22.13
O5 GLC C . 7.83 10.09 -21.03
O6 GLC C . 8.27 12.31 -22.39
H1 GLC C . 6.66 10.01 -22.67
H2 GLC C . 7.90 8.73 -23.82
H3 GLC C . 9.47 7.83 -21.44
H4 GLC C . 9.58 10.26 -23.28
H5 GLC C . 9.74 10.21 -20.29
H61 GLC C . 8.92 12.43 -20.45
H62 GLC C . 10.19 12.27 -21.67
HO1 GLC C . 6.03 7.73 -21.57
HO2 GLC C . 7.71 6.57 -22.01
HO3 GLC C . 9.86 8.10 -24.28
HO4 GLC C . 11.63 9.64 -22.99
HO6 GLC C . 7.45 11.81 -22.28
CAA MB3 D . 19.70 12.26 -35.86
OAB MB3 D . 16.60 12.56 -36.24
CAC MB3 D . 17.32 9.73 -34.53
CAD MB3 D . 16.37 10.86 -34.72
CAE MB3 D . 18.74 10.53 -34.33
CAF MB3 D . 17.11 11.79 -35.53
NAG MB3 D . 18.56 11.56 -35.29
HAA MB3 D . 19.40 12.71 -36.81
HAAA MB3 D . 20.51 11.57 -36.02
HAAB MB3 D . 20.02 13.05 -35.19
HAC MB3 D . 17.33 9.07 -35.37
HACA MB3 D . 17.08 9.19 -33.62
HAD MB3 D . 16.11 11.31 -33.77
HADA MB3 D . 15.48 10.52 -35.24
HAE MB3 D . 18.83 10.93 -33.33
HAEA MB3 D . 19.59 9.91 -34.60
CA CA E . 15.82 8.16 -43.69
C1 GLC F . -2.64 6.48 22.72
C2 GLC F . -2.02 5.10 22.83
C3 GLC F . -1.07 5.02 23.99
C4 GLC F . -0.37 6.36 24.08
C5 GLC F . -1.37 7.43 24.42
C6 GLC F . -1.12 8.71 23.69
O1 GLC F . -3.96 6.46 22.22
O2 GLC F . -2.99 4.11 23.00
O3 GLC F . -0.13 4.03 23.75
O4 GLC F . 0.62 6.29 25.07
O5 GLC F . -2.67 7.11 23.98
O6 GLC F . 0.24 8.94 23.46
H1 GLC F . -2.01 7.08 22.05
H2 GLC F . -1.46 4.90 21.91
H3 GLC F . -1.62 4.83 24.91
H4 GLC F . 0.08 6.60 23.11
H5 GLC F . -1.36 7.62 25.50
H61 GLC F . -1.64 8.71 22.74
H62 GLC F . -1.52 9.53 24.29
HO1 GLC F . -4.21 5.54 22.04
HO2 GLC F . -3.48 4.27 23.82
HO3 GLC F . 0.65 4.41 23.31
HO4 GLC F . 1.35 5.75 24.75
HO6 GLC F . 0.75 8.57 24.19
CAA MB3 G . 15.56 1.08 20.34
OAB MB3 G . 13.87 1.99 17.99
CAC MB3 G . 12.15 0.31 20.08
CAD MB3 G . 12.02 1.57 19.30
CAE MB3 G . 13.18 0.85 21.18
CAF MB3 G . 13.41 1.66 18.98
NAG MB3 G . 14.13 1.18 20.19
HAA MB3 G . 15.85 0.04 20.37
HAAA MB3 G . 16.04 1.56 19.49
HAAB MB3 G . 15.86 1.57 21.25
HAC MB3 G . 12.60 -0.47 19.47
HACA MB3 G . 11.22 -0.01 20.52
HAD MB3 G . 11.71 2.40 19.91
HADA MB3 G . 11.41 1.45 18.41
HAE MB3 G . 12.82 1.73 21.70
HAEA MB3 G . 13.53 0.07 21.85
CA CA H . 15.11 -4.77 13.53
#